data_6O70
#
_entry.id   6O70
#
_cell.length_a   103.119
_cell.length_b   163.779
_cell.length_c   110.710
_cell.angle_alpha   90.00
_cell.angle_beta   90.00
_cell.angle_gamma   90.00
#
_symmetry.space_group_name_H-M   'C 2 2 21'
#
loop_
_entity.id
_entity.type
_entity.pdbx_description
1 polymer Csm6
2 non-polymer "2',3'- cyclic AMP"
3 non-polymer "3'-O-[(R)-{[(2S,3aS,4S,6S,6aS)-6-(6-amino-9H-purin-9-yl)-2-hydroxy-2-oxotetrahydro-2H-2lambda~5~-furo[3,4-d][1,3,2]dioxaphosphol-4-yl]methoxy}(hydroxy)phosphoryl]adenosine"
4 water water
#
_entity_poly.entity_id   1
_entity_poly.type   'polypeptide(L)'
_entity_poly.pdbx_seq_one_letter_code
;MGMKLLVVSWGDFERWKETKYRFGGETSVGPSTLPILQKVIKPDWTVIVLSDTIGKDFSSVETLREDVRNRVMDFLDRIG
AGREVDVIIAPGIGEFTHGSFRGSAMDAYYYVLHALSEIIPTKGDLEVHFDSTAGLNYVTLLTYRALKDLLGIAAVMNTV
TFYAYNSDPFVPKITKELNINTIETTMVKPTPLSEPLPGFDEYLCPYSMERAEFVRLKGSLNTLKNLRKEKKKLEAWIGS
LLFGLPLLFLEEFPDIGRLESYIEELAETWGGAIAVNAEEKAVTRRLAFGSGFGTLVKLLFQARITRGLLVEEPYSIEKL
YSVSDRLFRGSTLQRVRVELGKIEDKAIKYARKGAFPRDIPLRDFLGFDAANREVSPRNVLAHAGLEANVVEVSMEAWEP
KRPEEEAGRHTHLKYTPVGLKKVEDIVSRALKESHHHHHH
;
_entity_poly.pdbx_strand_id   A,B
#
loop_
_chem_comp.id
_chem_comp.type
_chem_comp.name
_chem_comp.formula
ACK non-polymer '2',3'- cyclic AMP' 'C10 H12 N5 O6 P'
LQJ non-polymer 3'-O-[(R)-{[(2S,3aS,4S,6S,6aS)-6-(6-amino-9H-purin-9-yl)-2-hydroxy-2-oxotetrahydro-2H-2lambda~5~-furo[3,4-d][1,3,2]dioxaphosphol-4-yl]methoxy}(hydroxy)phosphoryl]adenosine 'C20 H24 N10 O12 P2'
#
# COMPACT_ATOMS: atom_id res chain seq x y z
N MET A 3 21.31 0.14 -8.49
CA MET A 3 21.44 -0.64 -7.22
C MET A 3 20.51 -1.86 -7.24
N LYS A 4 21.08 -3.07 -7.33
CA LYS A 4 20.37 -4.36 -7.12
C LYS A 4 20.59 -4.82 -5.67
N LEU A 5 19.52 -5.20 -4.97
CA LEU A 5 19.54 -5.68 -3.57
C LEU A 5 18.85 -7.04 -3.49
N LEU A 6 19.52 -8.03 -2.91
CA LEU A 6 18.95 -9.37 -2.60
C LEU A 6 18.71 -9.47 -1.09
N VAL A 7 17.48 -9.81 -0.69
CA VAL A 7 17.05 -9.99 0.73
C VAL A 7 16.47 -11.40 0.83
N VAL A 8 16.92 -12.18 1.82
CA VAL A 8 16.48 -13.58 2.04
C VAL A 8 16.06 -13.73 3.51
N SER A 9 14.95 -14.40 3.75
CA SER A 9 14.39 -14.73 5.09
C SER A 9 14.71 -16.20 5.41
N TRP A 10 15.54 -16.43 6.44
CA TRP A 10 16.06 -17.78 6.81
C TRP A 10 15.45 -18.25 8.13
N GLY A 11 15.04 -19.52 8.18
CA GLY A 11 14.83 -20.28 9.43
C GLY A 11 16.11 -21.00 9.84
N ASP A 12 15.97 -22.20 10.44
CA ASP A 12 17.10 -23.03 10.92
C ASP A 12 17.88 -23.58 9.72
N PHE A 13 18.80 -22.78 9.18
CA PHE A 13 19.61 -23.08 7.96
C PHE A 13 20.44 -24.37 8.16
N GLU A 14 20.78 -24.71 9.41
CA GLU A 14 21.60 -25.89 9.76
C GLU A 14 20.81 -27.20 9.52
N ARG A 15 19.49 -27.17 9.65
CA ARG A 15 18.61 -28.38 9.56
C ARG A 15 18.26 -28.72 8.10
N TRP A 16 18.47 -27.81 7.15
CA TRP A 16 18.08 -28.02 5.72
C TRP A 16 18.86 -29.22 5.15
N LYS A 17 18.26 -29.94 4.20
CA LYS A 17 18.87 -31.10 3.50
C LYS A 17 19.46 -30.62 2.16
N GLU A 18 20.40 -31.39 1.61
CA GLU A 18 20.95 -31.20 0.24
C GLU A 18 19.83 -31.47 -0.77
N THR A 19 19.75 -30.67 -1.83
CA THR A 19 18.82 -30.86 -2.96
C THR A 19 19.32 -30.06 -4.17
N LYS A 20 18.60 -30.10 -5.29
CA LYS A 20 18.94 -29.40 -6.56
C LYS A 20 17.92 -28.26 -6.77
N TYR A 21 18.39 -27.09 -7.22
CA TYR A 21 17.57 -25.86 -7.43
C TYR A 21 17.67 -25.42 -8.89
N ARG A 22 16.51 -25.29 -9.56
CA ARG A 22 16.37 -24.71 -10.91
C ARG A 22 16.01 -23.22 -10.76
N PHE A 23 16.72 -22.32 -11.45
CA PHE A 23 16.39 -20.87 -11.48
C PHE A 23 17.10 -20.19 -12.65
N GLY A 24 16.33 -19.56 -13.53
CA GLY A 24 16.83 -18.69 -14.62
C GLY A 24 17.88 -19.37 -15.49
N GLY A 25 17.65 -20.63 -15.87
CA GLY A 25 18.50 -21.37 -16.83
C GLY A 25 19.81 -21.84 -16.22
N GLU A 26 19.91 -21.88 -14.89
CA GLU A 26 21.04 -22.48 -14.14
C GLU A 26 20.51 -23.55 -13.20
N THR A 27 21.36 -24.50 -12.84
CA THR A 27 21.09 -25.61 -11.87
C THR A 27 22.12 -25.48 -10.74
N SER A 28 21.77 -25.95 -9.54
CA SER A 28 22.58 -25.78 -8.31
C SER A 28 22.28 -26.90 -7.31
N VAL A 29 23.33 -27.57 -6.84
CA VAL A 29 23.25 -28.58 -5.74
C VAL A 29 23.71 -27.89 -4.45
N GLY A 30 23.02 -28.14 -3.34
CA GLY A 30 23.28 -27.49 -2.05
C GLY A 30 22.02 -27.37 -1.22
N PRO A 31 22.14 -27.01 0.09
CA PRO A 31 20.97 -26.91 0.96
C PRO A 31 20.23 -25.56 0.92
N SER A 32 20.73 -24.57 0.17
CA SER A 32 20.20 -23.18 0.15
C SER A 32 20.14 -22.64 -1.28
N THR A 33 19.24 -21.67 -1.49
CA THR A 33 18.95 -21.00 -2.79
C THR A 33 19.93 -19.85 -3.02
N LEU A 34 20.59 -19.37 -1.95
CA LEU A 34 21.37 -18.11 -1.97
C LEU A 34 22.45 -18.17 -3.05
N PRO A 35 23.21 -19.28 -3.21
CA PRO A 35 24.25 -19.37 -4.24
C PRO A 35 23.71 -19.12 -5.66
N ILE A 36 22.69 -19.88 -6.06
CA ILE A 36 22.10 -19.75 -7.44
C ILE A 36 21.45 -18.37 -7.58
N LEU A 37 20.65 -17.92 -6.59
CA LEU A 37 20.08 -16.55 -6.55
C LEU A 37 21.17 -15.54 -6.89
N GLN A 38 22.29 -15.57 -6.16
CA GLN A 38 23.44 -14.65 -6.36
C GLN A 38 24.04 -14.82 -7.75
N LYS A 39 24.09 -16.05 -8.28
CA LYS A 39 24.66 -16.36 -9.62
C LYS A 39 23.79 -15.71 -10.70
N VAL A 40 22.48 -15.98 -10.69
CA VAL A 40 21.50 -15.48 -11.70
C VAL A 40 21.33 -13.96 -11.57
N ILE A 41 21.00 -13.47 -10.37
CA ILE A 41 20.61 -12.05 -10.13
C ILE A 41 21.84 -11.13 -10.14
N LYS A 42 22.99 -11.61 -9.64
CA LYS A 42 24.24 -10.82 -9.50
C LYS A 42 23.92 -9.52 -8.78
N PRO A 43 23.50 -9.56 -7.49
CA PRO A 43 23.11 -8.36 -6.77
C PRO A 43 24.33 -7.53 -6.36
N ASP A 44 24.12 -6.22 -6.15
CA ASP A 44 25.16 -5.28 -5.67
C ASP A 44 25.39 -5.50 -4.17
N TRP A 45 24.42 -6.08 -3.47
CA TRP A 45 24.49 -6.34 -2.01
C TRP A 45 23.43 -7.36 -1.58
N THR A 46 23.75 -8.20 -0.60
CA THR A 46 22.85 -9.27 -0.08
C THR A 46 22.58 -9.02 1.41
N VAL A 47 21.32 -9.21 1.83
CA VAL A 47 20.88 -9.05 3.25
C VAL A 47 20.20 -10.35 3.67
N ILE A 48 20.68 -10.96 4.76
CA ILE A 48 20.12 -12.20 5.36
C ILE A 48 19.40 -11.81 6.64
N VAL A 49 18.14 -12.24 6.79
CA VAL A 49 17.27 -11.95 7.97
C VAL A 49 16.86 -13.29 8.58
N LEU A 50 17.27 -13.54 9.83
CA LEU A 50 16.90 -14.76 10.59
C LEU A 50 16.64 -14.40 12.05
N SER A 51 16.12 -15.36 12.80
CA SER A 51 15.64 -15.22 14.21
C SER A 51 16.80 -15.43 15.19
N ASP A 52 16.79 -14.67 16.30
CA ASP A 52 17.65 -14.82 17.50
C ASP A 52 17.69 -16.28 17.95
N THR A 53 16.58 -17.00 17.78
CA THR A 53 16.23 -18.27 18.46
C THR A 53 17.13 -19.43 17.97
N ILE A 54 18.05 -19.17 17.04
CA ILE A 54 19.05 -20.16 16.56
C ILE A 54 20.26 -20.16 17.51
N GLY A 55 20.45 -19.08 18.28
CA GLY A 55 21.59 -18.89 19.20
C GLY A 55 21.55 -19.85 20.38
N LYS A 56 22.73 -20.29 20.85
CA LYS A 56 22.90 -21.32 21.90
C LYS A 56 23.86 -20.83 23.00
N ASP A 57 24.02 -19.51 23.14
CA ASP A 57 24.92 -18.88 24.15
C ASP A 57 24.16 -17.75 24.87
N PHE A 58 24.10 -17.82 26.20
CA PHE A 58 23.24 -16.97 27.07
C PHE A 58 24.06 -16.29 28.18
N SER A 59 25.39 -16.25 28.06
CA SER A 59 26.28 -15.56 29.05
C SER A 59 26.13 -14.04 28.89
N SER A 60 25.68 -13.59 27.71
CA SER A 60 25.41 -12.16 27.35
C SER A 60 24.47 -12.09 26.15
N VAL A 61 24.05 -10.87 25.77
CA VAL A 61 23.23 -10.60 24.56
C VAL A 61 24.16 -10.47 23.35
N GLU A 62 25.36 -9.91 23.54
CA GLU A 62 26.34 -9.67 22.46
C GLU A 62 26.99 -11.00 22.03
N THR A 63 27.12 -11.96 22.95
CA THR A 63 27.66 -13.32 22.70
C THR A 63 26.64 -14.12 21.87
N LEU A 64 25.34 -13.83 22.04
CA LEU A 64 24.22 -14.52 21.35
C LEU A 64 24.17 -14.10 19.88
N ARG A 65 24.28 -12.79 19.61
CA ARG A 65 24.31 -12.21 18.24
C ARG A 65 25.56 -12.72 17.51
N GLU A 66 26.73 -12.72 18.18
CA GLU A 66 28.02 -13.12 17.57
C GLU A 66 28.02 -14.63 17.27
N ASP A 67 27.38 -15.44 18.13
CA ASP A 67 27.23 -16.91 17.92
C ASP A 67 26.43 -17.13 16.63
N VAL A 68 25.24 -16.53 16.53
CA VAL A 68 24.33 -16.63 15.34
C VAL A 68 25.10 -16.14 14.10
N ARG A 69 25.84 -15.04 14.19
CA ARG A 69 26.60 -14.46 13.03
C ARG A 69 27.64 -15.48 12.55
N ASN A 70 28.47 -16.01 13.46
CA ASN A 70 29.54 -16.98 13.13
C ASN A 70 28.93 -18.19 12.41
N ARG A 71 27.88 -18.77 12.99
CA ARG A 71 27.13 -19.94 12.44
C ARG A 71 26.71 -19.62 10.99
N VAL A 72 26.23 -18.41 10.74
CA VAL A 72 25.75 -17.96 9.39
C VAL A 72 26.97 -17.87 8.46
N MET A 73 28.05 -17.21 8.90
CA MET A 73 29.31 -17.05 8.12
C MET A 73 29.91 -18.43 7.79
N ASP A 74 29.87 -19.38 8.72
CA ASP A 74 30.37 -20.77 8.54
C ASP A 74 29.56 -21.45 7.42
N PHE A 75 28.24 -21.25 7.44
CA PHE A 75 27.28 -21.83 6.46
C PHE A 75 27.49 -21.20 5.08
N LEU A 76 27.88 -19.93 5.02
CA LEU A 76 28.16 -19.21 3.75
C LEU A 76 29.39 -19.84 3.08
N ASP A 77 30.35 -20.32 3.87
CA ASP A 77 31.56 -21.06 3.38
C ASP A 77 31.15 -22.46 2.89
N ARG A 78 30.30 -23.16 3.64
CA ARG A 78 29.79 -24.52 3.30
C ARG A 78 29.17 -24.49 1.89
N ILE A 79 28.30 -23.52 1.62
CA ILE A 79 27.69 -23.27 0.28
C ILE A 79 28.59 -22.26 -0.46
N GLY A 80 28.31 -21.98 -1.73
CA GLY A 80 29.21 -21.16 -2.56
C GLY A 80 29.13 -19.65 -2.28
N ALA A 81 28.34 -19.28 -1.27
CA ALA A 81 27.95 -17.89 -0.96
C ALA A 81 29.10 -16.95 -0.63
N GLY A 82 29.01 -15.74 -1.18
CA GLY A 82 29.99 -14.66 -0.94
C GLY A 82 29.79 -14.06 0.43
N ARG A 83 30.80 -13.41 0.99
CA ARG A 83 30.70 -12.84 2.36
C ARG A 83 30.27 -11.37 2.31
N GLU A 84 29.92 -10.86 1.13
CA GLU A 84 29.47 -9.44 0.99
C GLU A 84 28.01 -9.40 1.42
N VAL A 85 27.77 -9.37 2.73
CA VAL A 85 26.38 -9.48 3.22
C VAL A 85 26.22 -8.78 4.57
N ASP A 86 24.99 -8.39 4.86
CA ASP A 86 24.55 -7.87 6.19
C ASP A 86 23.66 -8.95 6.80
N VAL A 87 23.94 -9.35 8.05
CA VAL A 87 23.13 -10.35 8.79
C VAL A 87 22.30 -9.59 9.85
N ILE A 88 21.01 -9.43 9.58
CA ILE A 88 20.02 -8.87 10.55
C ILE A 88 19.54 -10.04 11.42
N ILE A 89 19.93 -10.04 12.70
CA ILE A 89 19.54 -11.07 13.70
C ILE A 89 18.31 -10.55 14.44
N ALA A 90 17.12 -10.93 13.96
CA ALA A 90 15.81 -10.43 14.44
C ALA A 90 15.51 -11.03 15.81
N PRO A 91 14.87 -10.27 16.73
CA PRO A 91 14.44 -10.82 18.01
C PRO A 91 13.19 -11.69 17.89
N GLY A 92 13.39 -13.02 17.86
CA GLY A 92 12.33 -14.03 17.71
C GLY A 92 11.87 -14.59 19.05
N ILE A 93 10.73 -15.26 19.04
CA ILE A 93 10.01 -15.78 20.24
C ILE A 93 9.97 -17.32 20.16
N GLY A 94 9.78 -17.99 21.30
CA GLY A 94 9.56 -19.45 21.38
C GLY A 94 10.37 -20.08 22.50
N GLU A 95 9.89 -21.21 23.03
CA GLU A 95 10.58 -22.01 24.09
C GLU A 95 11.16 -23.27 23.44
N PHE A 96 12.48 -23.33 23.28
CA PHE A 96 13.22 -24.39 22.56
C PHE A 96 14.04 -25.22 23.56
N THR A 97 14.57 -26.36 23.11
CA THR A 97 15.39 -27.31 23.90
C THR A 97 16.69 -26.61 24.33
N HIS A 98 17.30 -25.84 23.43
CA HIS A 98 18.63 -25.19 23.63
C HIS A 98 18.48 -23.85 24.37
N GLY A 99 17.25 -23.35 24.61
CA GLY A 99 16.99 -22.15 25.42
C GLY A 99 15.67 -21.47 25.09
N SER A 100 15.28 -20.48 25.90
CA SER A 100 13.96 -19.79 25.86
C SER A 100 14.13 -18.31 25.50
N PHE A 101 13.20 -17.77 24.70
CA PHE A 101 13.18 -16.37 24.21
C PHE A 101 11.75 -15.82 24.34
N ARG A 102 11.56 -14.88 25.26
CA ARG A 102 10.25 -14.24 25.55
C ARG A 102 10.35 -12.75 25.18
N GLY A 103 9.23 -12.17 24.76
CA GLY A 103 9.12 -10.77 24.33
C GLY A 103 7.95 -10.57 23.38
N SER A 104 7.65 -9.32 23.02
CA SER A 104 6.66 -8.96 21.98
C SER A 104 7.09 -9.57 20.64
N ALA A 105 6.18 -10.26 19.96
CA ALA A 105 6.41 -10.89 18.63
C ALA A 105 6.67 -9.79 17.60
N MET A 106 6.01 -8.63 17.76
CA MET A 106 6.08 -7.48 16.81
C MET A 106 7.46 -6.81 16.86
N ASP A 107 8.30 -7.14 17.85
CA ASP A 107 9.67 -6.57 17.98
C ASP A 107 10.48 -6.89 16.72
N ALA A 108 10.29 -8.08 16.13
CA ALA A 108 10.95 -8.51 14.88
C ALA A 108 10.70 -7.48 13.76
N TYR A 109 9.47 -6.99 13.60
CA TYR A 109 9.08 -6.01 12.55
C TYR A 109 9.87 -4.72 12.73
N TYR A 110 9.79 -4.12 13.92
CA TYR A 110 10.40 -2.80 14.23
C TYR A 110 11.92 -2.91 14.08
N TYR A 111 12.51 -4.00 14.58
CA TYR A 111 13.97 -4.23 14.54
C TYR A 111 14.44 -4.38 13.09
N VAL A 112 13.72 -5.11 12.25
CA VAL A 112 14.09 -5.34 10.83
C VAL A 112 13.88 -4.02 10.06
N LEU A 113 12.75 -3.35 10.27
CA LEU A 113 12.44 -2.00 9.70
C LEU A 113 13.64 -1.08 9.99
N HIS A 114 14.03 -0.98 11.25
CA HIS A 114 15.19 -0.16 11.70
C HIS A 114 16.43 -0.60 10.92
N ALA A 115 16.68 -1.92 10.86
CA ALA A 115 17.90 -2.49 10.25
C ALA A 115 17.95 -2.11 8.77
N LEU A 116 16.86 -2.37 8.03
CA LEU A 116 16.75 -2.10 6.56
C LEU A 116 16.81 -0.61 6.27
N SER A 117 16.34 0.25 7.19
CA SER A 117 16.34 1.73 7.00
C SER A 117 17.78 2.27 7.02
N GLU A 118 18.73 1.49 7.55
CA GLU A 118 20.17 1.85 7.61
C GLU A 118 20.95 1.20 6.45
N ILE A 119 20.32 0.29 5.71
CA ILE A 119 20.96 -0.52 4.62
C ILE A 119 20.49 -0.01 3.25
N ILE A 120 19.17 0.08 3.02
CA ILE A 120 18.58 0.44 1.69
C ILE A 120 19.10 1.81 1.29
N PRO A 121 19.83 1.95 0.16
CA PRO A 121 20.34 3.25 -0.27
C PRO A 121 19.21 4.27 -0.46
N THR A 122 19.48 5.53 -0.12
CA THR A 122 18.49 6.64 -0.07
C THR A 122 18.72 7.59 -1.26
N LYS A 123 19.53 7.19 -2.24
CA LYS A 123 19.72 7.88 -3.54
C LYS A 123 19.77 6.81 -4.64
N GLY A 124 19.36 7.17 -5.86
CA GLY A 124 19.36 6.30 -7.05
C GLY A 124 18.23 5.29 -7.04
N ASP A 125 18.01 4.61 -8.17
CA ASP A 125 16.92 3.61 -8.36
C ASP A 125 17.25 2.35 -7.55
N LEU A 126 16.27 1.46 -7.40
CA LEU A 126 16.38 0.24 -6.59
C LEU A 126 15.68 -0.92 -7.31
N GLU A 127 16.44 -1.96 -7.62
CA GLU A 127 15.92 -3.30 -7.98
C GLU A 127 16.10 -4.16 -6.73
N VAL A 128 15.00 -4.58 -6.12
CA VAL A 128 15.01 -5.40 -4.87
C VAL A 128 14.49 -6.79 -5.22
N HIS A 129 15.16 -7.82 -4.69
CA HIS A 129 14.82 -9.27 -4.85
C HIS A 129 14.66 -9.88 -3.46
N PHE A 130 13.50 -10.48 -3.17
CA PHE A 130 13.14 -11.04 -1.84
C PHE A 130 12.90 -12.54 -1.97
N ASP A 131 13.62 -13.36 -1.20
CA ASP A 131 13.52 -14.83 -1.22
C ASP A 131 12.96 -15.32 0.12
N SER A 132 11.90 -16.12 0.10
CA SER A 132 11.14 -16.57 1.30
C SER A 132 11.08 -18.10 1.39
N THR A 133 11.97 -18.81 0.67
CA THR A 133 11.82 -20.27 0.34
C THR A 133 11.80 -21.11 1.63
N ALA A 134 12.73 -20.83 2.55
CA ALA A 134 12.91 -21.57 3.82
C ALA A 134 12.98 -20.58 4.99
N GLY A 135 12.06 -19.61 5.03
CA GLY A 135 11.94 -18.66 6.15
C GLY A 135 10.88 -19.09 7.15
N LEU A 136 10.98 -18.61 8.40
CA LEU A 136 9.87 -18.64 9.38
C LEU A 136 8.70 -17.83 8.80
N ASN A 137 7.47 -18.30 8.97
CA ASN A 137 6.25 -17.68 8.38
C ASN A 137 6.13 -16.23 8.85
N TYR A 138 6.26 -15.98 10.16
CA TYR A 138 5.93 -14.67 10.79
C TYR A 138 7.05 -13.66 10.54
N VAL A 139 8.33 -14.07 10.59
CA VAL A 139 9.47 -13.15 10.35
C VAL A 139 9.48 -12.76 8.85
N THR A 140 9.13 -13.71 7.98
CA THR A 140 9.04 -13.52 6.50
C THR A 140 7.92 -12.52 6.17
N LEU A 141 6.78 -12.61 6.87
CA LEU A 141 5.67 -11.63 6.74
C LEU A 141 6.16 -10.24 7.20
N LEU A 142 6.81 -10.19 8.37
CA LEU A 142 7.25 -8.92 9.01
C LEU A 142 8.39 -8.30 8.19
N THR A 143 9.30 -9.14 7.67
CA THR A 143 10.40 -8.73 6.76
C THR A 143 9.80 -8.18 5.48
N TYR A 144 8.93 -8.94 4.82
CA TYR A 144 8.17 -8.54 3.61
C TYR A 144 7.53 -7.16 3.87
N ARG A 145 6.78 -7.05 4.97
CA ARG A 145 6.01 -5.84 5.35
C ARG A 145 6.95 -4.64 5.48
N ALA A 146 8.09 -4.81 6.18
CA ALA A 146 9.07 -3.75 6.51
C ALA A 146 9.77 -3.25 5.24
N LEU A 147 10.07 -4.18 4.33
CA LEU A 147 10.70 -3.92 3.01
C LEU A 147 9.74 -3.07 2.16
N LYS A 148 8.48 -3.49 2.03
CA LYS A 148 7.43 -2.79 1.23
C LYS A 148 7.16 -1.39 1.80
N ASP A 149 7.19 -1.23 3.13
CA ASP A 149 6.93 0.07 3.81
C ASP A 149 8.02 1.08 3.47
N LEU A 150 9.29 0.65 3.38
CA LEU A 150 10.43 1.57 3.09
C LEU A 150 10.53 1.82 1.58
N LEU A 151 10.34 0.78 0.77
CA LEU A 151 10.41 0.88 -0.72
C LEU A 151 9.30 1.82 -1.21
N GLY A 152 8.10 1.74 -0.62
CA GLY A 152 7.00 2.70 -0.83
C GLY A 152 7.45 4.14 -0.63
N ILE A 153 8.24 4.41 0.40
CA ILE A 153 8.77 5.78 0.70
C ILE A 153 9.90 6.09 -0.31
N ALA A 154 10.72 5.09 -0.66
CA ALA A 154 11.85 5.25 -1.61
C ALA A 154 11.33 5.61 -3.01
N ALA A 155 10.16 5.08 -3.38
CA ALA A 155 9.55 5.24 -4.73
C ALA A 155 9.09 6.69 -4.98
N VAL A 156 8.96 7.51 -3.93
CA VAL A 156 8.58 8.95 -4.02
C VAL A 156 9.60 9.70 -4.91
N MET A 157 10.88 9.32 -4.85
CA MET A 157 11.99 10.09 -5.46
C MET A 157 12.68 9.31 -6.58
N ASN A 158 12.58 7.97 -6.58
CA ASN A 158 13.37 7.07 -7.47
C ASN A 158 12.47 5.93 -7.94
N THR A 159 12.81 5.34 -9.10
CA THR A 159 12.16 4.11 -9.62
C THR A 159 12.60 2.94 -8.74
N VAL A 160 11.65 2.12 -8.32
CA VAL A 160 11.87 0.93 -7.44
C VAL A 160 11.10 -0.25 -8.05
N THR A 161 11.78 -1.38 -8.25
CA THR A 161 11.16 -2.65 -8.73
C THR A 161 11.38 -3.73 -7.68
N PHE A 162 10.32 -4.47 -7.35
CA PHE A 162 10.30 -5.54 -6.34
C PHE A 162 9.98 -6.88 -7.02
N TYR A 163 10.87 -7.85 -6.88
CA TYR A 163 10.64 -9.27 -7.24
C TYR A 163 10.70 -10.09 -5.96
N ALA A 164 9.76 -11.03 -5.78
CA ALA A 164 9.74 -12.01 -4.68
C ALA A 164 9.89 -13.41 -5.26
N TYR A 165 10.59 -14.30 -4.54
CA TYR A 165 10.79 -15.72 -4.94
C TYR A 165 10.35 -16.63 -3.79
N ASN A 166 9.91 -17.83 -4.16
CA ASN A 166 9.72 -18.99 -3.25
C ASN A 166 10.01 -20.25 -4.08
N SER A 167 10.57 -21.27 -3.44
CA SER A 167 10.90 -22.56 -4.09
C SER A 167 9.67 -23.47 -4.04
N ASP A 168 9.63 -24.49 -4.91
CA ASP A 168 8.71 -25.66 -4.79
C ASP A 168 8.89 -26.24 -3.39
N PRO A 169 7.82 -26.73 -2.74
CA PRO A 169 7.94 -27.34 -1.42
C PRO A 169 8.82 -28.60 -1.45
N PHE A 170 9.56 -28.81 -0.37
CA PHE A 170 10.50 -29.94 -0.28
C PHE A 170 9.85 -31.09 0.47
N VAL A 171 9.82 -32.24 -0.20
CA VAL A 171 9.31 -33.52 0.35
C VAL A 171 10.55 -34.40 0.40
N PRO A 172 10.81 -35.13 1.50
CA PRO A 172 12.07 -35.84 1.63
C PRO A 172 12.21 -37.11 0.78
N LYS A 173 13.17 -37.08 -0.15
CA LYS A 173 13.66 -38.14 -1.08
C LYS A 173 12.83 -38.21 -2.37
N ILE A 174 11.59 -37.70 -2.33
CA ILE A 174 10.67 -37.58 -3.49
C ILE A 174 11.26 -36.50 -4.39
N THR A 175 11.80 -35.48 -3.73
CA THR A 175 12.40 -34.29 -4.38
C THR A 175 13.55 -34.70 -5.28
N LYS A 176 13.65 -34.02 -6.41
CA LYS A 176 14.76 -34.21 -7.39
C LYS A 176 15.35 -32.83 -7.71
N GLU A 177 14.53 -31.94 -8.29
CA GLU A 177 14.93 -30.55 -8.65
C GLU A 177 13.79 -29.60 -8.30
N LEU A 178 13.91 -28.92 -7.15
CA LEU A 178 12.97 -27.84 -6.71
C LEU A 178 13.22 -26.60 -7.58
N ASN A 179 12.16 -26.12 -8.25
CA ASN A 179 12.17 -24.85 -9.03
C ASN A 179 12.04 -23.68 -8.05
N ILE A 180 12.66 -22.53 -8.37
CA ILE A 180 12.52 -21.25 -7.60
C ILE A 180 11.57 -20.32 -8.37
N ASN A 181 10.32 -20.25 -7.92
CA ASN A 181 9.20 -19.55 -8.62
C ASN A 181 9.30 -18.04 -8.35
N THR A 182 8.93 -17.21 -9.32
CA THR A 182 8.68 -15.75 -9.14
C THR A 182 7.22 -15.58 -8.73
N ILE A 183 6.97 -15.22 -7.46
CA ILE A 183 5.59 -15.12 -6.88
C ILE A 183 5.15 -13.64 -6.80
N GLU A 184 6.02 -12.70 -7.19
CA GLU A 184 5.67 -11.26 -7.27
C GLU A 184 6.65 -10.53 -8.21
N THR A 185 6.11 -9.67 -9.08
CA THR A 185 6.86 -8.70 -9.90
C THR A 185 6.09 -7.37 -9.88
N THR A 186 6.58 -6.36 -9.15
CA THR A 186 5.83 -5.13 -8.80
C THR A 186 6.66 -3.89 -9.11
N MET A 187 6.07 -2.96 -9.87
CA MET A 187 6.48 -1.53 -9.94
C MET A 187 5.93 -0.83 -8.69
N VAL A 188 6.78 -0.61 -7.69
CA VAL A 188 6.37 -0.15 -6.33
C VAL A 188 5.75 1.25 -6.45
N LYS A 189 4.52 1.41 -5.95
CA LYS A 189 3.78 2.70 -5.99
C LYS A 189 4.43 3.67 -4.99
N PRO A 190 4.63 4.95 -5.38
CA PRO A 190 5.04 5.98 -4.42
C PRO A 190 4.00 6.16 -3.31
N THR A 191 4.37 5.89 -2.05
CA THR A 191 3.52 6.08 -0.85
C THR A 191 4.30 6.86 0.21
N PRO A 192 4.23 8.20 0.22
CA PRO A 192 4.80 8.98 1.32
C PRO A 192 4.12 8.61 2.64
N LEU A 193 4.84 8.76 3.76
CA LEU A 193 4.30 8.53 5.13
C LEU A 193 2.97 9.27 5.25
N SER A 194 1.94 8.61 5.79
CA SER A 194 0.56 9.13 5.92
C SER A 194 -0.03 8.84 7.31
N GLU A 195 0.82 8.61 8.32
CA GLU A 195 0.44 8.43 9.75
C GLU A 195 0.89 9.69 10.52
N PRO A 196 0.12 10.14 11.54
CA PRO A 196 0.66 11.11 12.49
C PRO A 196 1.56 10.38 13.49
N LEU A 197 2.41 11.10 14.21
CA LEU A 197 3.18 10.55 15.36
C LEU A 197 2.17 10.22 16.46
N PRO A 198 2.21 9.01 17.07
CA PRO A 198 1.20 8.61 18.04
C PRO A 198 1.48 9.21 19.42
N GLY A 199 0.58 8.99 20.38
CA GLY A 199 0.75 9.36 21.80
C GLY A 199 1.98 8.71 22.41
N PHE A 200 2.42 9.20 23.57
CA PHE A 200 3.74 8.88 24.17
C PHE A 200 3.69 7.58 24.96
N ASP A 201 2.62 6.78 24.80
CA ASP A 201 2.50 5.39 25.31
C ASP A 201 3.00 4.38 24.26
N GLU A 202 3.21 4.81 23.01
CA GLU A 202 3.29 3.91 21.83
C GLU A 202 4.67 3.97 21.16
N TYR A 203 5.73 4.33 21.91
CA TYR A 203 7.13 4.34 21.43
C TYR A 203 7.87 3.14 22.04
N LEU A 204 7.85 3.05 23.37
CA LEU A 204 8.31 1.87 24.15
C LEU A 204 7.23 1.51 25.16
N CYS A 205 6.88 0.22 25.25
CA CYS A 205 5.87 -0.35 26.17
C CYS A 205 6.55 -1.43 27.02
N PRO A 206 6.01 -1.73 28.23
CA PRO A 206 6.60 -2.75 29.10
C PRO A 206 6.03 -4.14 28.78
N TYR A 207 6.88 -5.10 28.42
CA TYR A 207 6.48 -6.52 28.18
C TYR A 207 6.51 -7.30 29.50
N SER A 208 7.66 -7.29 30.19
CA SER A 208 7.88 -7.97 31.50
C SER A 208 8.71 -7.05 32.40
N MET A 209 8.06 -6.05 32.99
CA MET A 209 8.72 -4.98 33.80
C MET A 209 7.70 -4.38 34.77
N GLU A 210 8.11 -4.19 36.03
CA GLU A 210 7.27 -3.58 37.09
C GLU A 210 6.91 -2.16 36.63
N ARG A 211 5.72 -1.69 37.00
CA ARG A 211 5.11 -0.40 36.56
C ARG A 211 6.08 0.77 36.84
N ALA A 212 6.61 0.85 38.06
CA ALA A 212 7.47 1.97 38.52
C ALA A 212 8.80 2.00 37.75
N GLU A 213 9.36 0.83 37.43
CA GLU A 213 10.66 0.71 36.69
C GLU A 213 10.46 1.18 35.24
N PHE A 214 9.33 0.83 34.61
CA PHE A 214 8.98 1.31 33.24
C PHE A 214 8.83 2.83 33.27
N VAL A 215 8.03 3.34 34.21
CA VAL A 215 7.76 4.80 34.41
C VAL A 215 9.09 5.56 34.47
N ARG A 216 10.08 5.02 35.18
CA ARG A 216 11.44 5.62 35.31
C ARG A 216 12.13 5.66 33.95
N LEU A 217 12.19 4.53 33.24
CA LEU A 217 12.82 4.42 31.89
C LEU A 217 12.13 5.39 30.92
N LYS A 218 10.79 5.35 30.88
CA LYS A 218 9.94 6.24 30.05
C LYS A 218 10.27 7.71 30.36
N GLY A 219 10.32 8.06 31.66
CA GLY A 219 10.56 9.43 32.13
C GLY A 219 12.02 9.84 32.05
N SER A 220 12.92 8.91 31.72
CA SER A 220 14.37 9.15 31.50
C SER A 220 14.64 9.56 30.04
N LEU A 221 13.69 9.33 29.13
CA LEU A 221 13.89 9.48 27.66
C LEU A 221 13.81 10.96 27.26
N ASN A 222 14.89 11.48 26.70
CA ASN A 222 14.97 12.84 26.08
C ASN A 222 14.03 12.90 24.86
N THR A 223 13.88 11.78 24.14
CA THR A 223 13.06 11.70 22.90
C THR A 223 11.63 12.15 23.19
N LEU A 224 10.95 11.50 24.14
CA LEU A 224 9.53 11.78 24.49
C LEU A 224 9.38 13.26 24.85
N LYS A 225 10.33 13.83 25.59
CA LYS A 225 10.30 15.24 26.07
C LYS A 225 10.36 16.16 24.85
N ASN A 226 11.39 15.99 24.00
CA ASN A 226 11.69 16.87 22.84
C ASN A 226 10.61 16.73 21.77
N LEU A 227 10.01 15.53 21.64
CA LEU A 227 9.01 15.21 20.60
C LEU A 227 7.65 15.82 20.95
N ARG A 228 7.44 16.19 22.22
CA ARG A 228 6.16 16.77 22.72
C ARG A 228 5.88 18.11 22.00
N LYS A 229 6.92 18.95 21.83
CA LYS A 229 6.79 20.32 21.27
C LYS A 229 7.19 20.34 19.78
N GLU A 230 7.76 19.25 19.28
CA GLU A 230 8.20 19.08 17.86
C GLU A 230 7.13 18.33 17.06
N LYS A 231 6.22 17.61 17.75
CA LYS A 231 5.18 16.71 17.16
C LYS A 231 4.44 17.42 16.01
N LYS A 232 4.02 18.66 16.23
CA LYS A 232 3.13 19.41 15.29
C LYS A 232 3.91 19.74 14.00
N LYS A 233 5.15 20.19 14.12
CA LYS A 233 6.03 20.58 12.99
C LYS A 233 6.32 19.35 12.10
N LEU A 234 6.58 18.19 12.72
CA LEU A 234 6.89 16.95 11.96
C LEU A 234 5.65 16.48 11.20
N GLU A 235 4.48 16.50 11.84
CA GLU A 235 3.18 16.12 11.21
C GLU A 235 2.87 17.11 10.07
N ALA A 236 3.16 18.39 10.24
CA ALA A 236 3.03 19.42 9.19
C ALA A 236 3.92 19.02 8.01
N TRP A 237 5.14 18.55 8.27
CA TRP A 237 6.08 18.10 7.22
C TRP A 237 5.54 16.85 6.51
N ILE A 238 5.12 15.83 7.26
CA ILE A 238 4.50 14.58 6.69
C ILE A 238 3.34 14.98 5.76
N GLY A 239 2.48 15.89 6.20
CA GLY A 239 1.32 16.38 5.42
C GLY A 239 1.73 17.15 4.17
N SER A 240 2.90 17.80 4.18
CA SER A 240 3.39 18.60 3.03
C SER A 240 3.55 17.70 1.81
N LEU A 241 4.09 16.49 1.99
CA LEU A 241 4.25 15.49 0.89
C LEU A 241 2.89 14.89 0.51
N LEU A 242 2.11 14.52 1.51
CA LEU A 242 0.82 13.79 1.33
C LEU A 242 -0.19 14.68 0.60
N PHE A 243 -0.28 15.98 0.93
CA PHE A 243 -1.35 16.90 0.46
C PHE A 243 -0.89 17.81 -0.67
N GLY A 244 0.42 17.94 -0.92
CA GLY A 244 0.95 18.73 -2.04
C GLY A 244 1.17 20.18 -1.64
N LEU A 245 1.97 20.41 -0.60
CA LEU A 245 2.24 21.75 -0.03
C LEU A 245 3.73 22.02 -0.11
N PRO A 246 4.27 22.44 -1.28
CA PRO A 246 5.71 22.48 -1.51
C PRO A 246 6.49 23.47 -0.62
N LEU A 247 5.90 24.60 -0.27
CA LEU A 247 6.53 25.64 0.59
C LEU A 247 6.67 25.10 2.02
N LEU A 248 5.65 24.39 2.53
CA LEU A 248 5.67 23.77 3.88
C LEU A 248 6.74 22.67 3.93
N PHE A 249 6.90 21.90 2.87
CA PHE A 249 7.95 20.86 2.74
C PHE A 249 9.33 21.48 3.03
N LEU A 250 9.64 22.62 2.41
CA LEU A 250 10.95 23.31 2.57
C LEU A 250 11.05 23.92 3.97
N GLU A 251 10.05 24.66 4.42
CA GLU A 251 10.10 25.44 5.68
C GLU A 251 10.11 24.49 6.89
N GLU A 252 9.40 23.36 6.82
CA GLU A 252 9.23 22.41 7.96
C GLU A 252 10.18 21.21 7.82
N PHE A 253 11.14 21.24 6.89
CA PHE A 253 12.06 20.10 6.65
C PHE A 253 12.70 19.75 7.99
N PRO A 254 12.55 18.49 8.49
CA PRO A 254 13.05 18.15 9.82
C PRO A 254 14.59 18.11 9.92
N ASP A 255 15.09 18.20 11.15
CA ASP A 255 16.52 18.05 11.49
C ASP A 255 16.84 16.55 11.54
N ILE A 256 17.58 16.05 10.55
CA ILE A 256 17.93 14.59 10.41
C ILE A 256 18.78 14.16 11.61
N GLY A 257 19.62 15.06 12.15
CA GLY A 257 20.44 14.80 13.34
C GLY A 257 19.60 14.43 14.55
N ARG A 258 18.55 15.21 14.84
CA ARG A 258 17.63 14.99 15.98
C ARG A 258 16.84 13.68 15.80
N LEU A 259 16.30 13.45 14.59
CA LEU A 259 15.55 12.21 14.26
C LEU A 259 16.44 10.99 14.56
N GLU A 260 17.67 10.98 14.01
CA GLU A 260 18.72 9.96 14.30
C GLU A 260 18.88 9.76 15.81
N SER A 261 18.94 10.86 16.56
CA SER A 261 19.15 10.90 18.04
C SER A 261 17.98 10.21 18.75
N TYR A 262 16.74 10.48 18.32
CA TYR A 262 15.49 9.94 18.90
C TYR A 262 15.45 8.42 18.69
N ILE A 263 15.72 7.96 17.46
CA ILE A 263 15.72 6.53 17.07
C ILE A 263 16.84 5.79 17.82
N GLU A 264 18.04 6.37 17.86
CA GLU A 264 19.22 5.77 18.54
C GLU A 264 18.88 5.50 20.01
N GLU A 265 18.30 6.50 20.70
CA GLU A 265 17.98 6.46 22.14
C GLU A 265 16.96 5.35 22.43
N LEU A 266 15.86 5.32 21.68
CA LEU A 266 14.75 4.34 21.84
C LEU A 266 15.30 2.93 21.59
N ALA A 267 16.16 2.77 20.57
CA ALA A 267 16.81 1.50 20.19
C ALA A 267 17.77 1.03 21.30
N GLU A 268 18.58 1.94 21.86
CA GLU A 268 19.55 1.65 22.95
C GLU A 268 18.79 1.23 24.21
N THR A 269 17.69 1.91 24.53
CA THR A 269 16.86 1.64 25.73
C THR A 269 16.26 0.24 25.62
N TRP A 270 15.65 -0.07 24.47
CA TRP A 270 15.11 -1.42 24.16
C TRP A 270 16.21 -2.48 24.34
N GLY A 271 17.39 -2.26 23.75
CA GLY A 271 18.55 -3.15 23.85
C GLY A 271 18.97 -3.38 25.29
N GLY A 272 19.05 -2.30 26.08
CA GLY A 272 19.50 -2.32 27.48
C GLY A 272 18.55 -3.08 28.40
N ALA A 273 17.27 -3.20 28.02
CA ALA A 273 16.21 -3.84 28.83
C ALA A 273 16.07 -5.34 28.51
N ILE A 274 16.97 -5.91 27.70
CA ILE A 274 16.97 -7.37 27.37
C ILE A 274 17.69 -8.10 28.49
N ALA A 275 16.95 -8.85 29.31
CA ALA A 275 17.46 -9.68 30.43
C ALA A 275 17.89 -11.04 29.91
N VAL A 276 19.20 -11.34 29.97
CA VAL A 276 19.79 -12.63 29.52
C VAL A 276 20.34 -13.37 30.75
N ASN A 277 19.58 -14.34 31.27
CA ASN A 277 19.92 -15.14 32.47
C ASN A 277 20.70 -16.38 32.03
N ALA A 278 21.97 -16.49 32.43
CA ALA A 278 23.02 -17.34 31.80
C ALA A 278 22.84 -18.83 32.15
N GLU A 279 22.41 -19.15 33.37
CA GLU A 279 22.32 -20.55 33.88
C GLU A 279 21.11 -21.24 33.24
N GLU A 280 19.91 -20.69 33.44
CA GLU A 280 18.61 -21.30 33.05
C GLU A 280 18.32 -21.06 31.56
N LYS A 281 19.26 -20.45 30.82
CA LYS A 281 19.25 -20.32 29.35
C LYS A 281 17.95 -19.64 28.90
N ALA A 282 17.87 -18.31 29.05
CA ALA A 282 16.63 -17.52 28.87
C ALA A 282 16.95 -16.07 28.49
N VAL A 283 16.36 -15.58 27.40
CA VAL A 283 16.34 -14.15 26.98
C VAL A 283 14.93 -13.61 27.21
N THR A 284 14.79 -12.54 28.00
CA THR A 284 13.52 -11.79 28.21
C THR A 284 13.70 -10.34 27.76
N ARG A 285 12.93 -9.91 26.75
CA ARG A 285 12.95 -8.53 26.20
C ARG A 285 11.92 -7.73 26.97
N ARG A 286 12.34 -7.07 28.05
CA ARG A 286 11.45 -6.51 29.09
C ARG A 286 10.71 -5.30 28.52
N LEU A 287 11.24 -4.65 27.47
CA LEU A 287 10.57 -3.58 26.69
C LEU A 287 10.19 -4.09 25.31
N ALA A 288 9.03 -3.65 24.80
CA ALA A 288 8.55 -3.83 23.41
C ALA A 288 8.59 -2.49 22.68
N PHE A 289 9.00 -2.50 21.42
CA PHE A 289 8.86 -1.36 20.50
C PHE A 289 7.37 -1.11 20.24
N GLY A 290 6.97 0.15 20.10
CA GLY A 290 5.62 0.55 19.69
C GLY A 290 5.60 1.12 18.28
N SER A 291 4.42 1.50 17.77
CA SER A 291 4.21 2.01 16.40
C SER A 291 4.93 3.35 16.24
N GLY A 292 4.99 4.16 17.30
CA GLY A 292 5.71 5.44 17.35
C GLY A 292 7.16 5.30 16.95
N PHE A 293 7.81 4.19 17.32
CA PHE A 293 9.21 3.87 16.90
C PHE A 293 9.24 3.71 15.38
N GLY A 294 8.32 2.91 14.85
CA GLY A 294 8.16 2.65 13.40
C GLY A 294 7.96 3.93 12.61
N THR A 295 7.06 4.80 13.08
CA THR A 295 6.74 6.09 12.43
C THR A 295 8.02 6.95 12.38
N LEU A 296 8.84 6.92 13.43
CA LEU A 296 10.11 7.68 13.52
C LEU A 296 11.11 7.14 12.49
N VAL A 297 11.23 5.81 12.36
CA VAL A 297 12.16 5.16 11.38
C VAL A 297 11.76 5.56 9.96
N LYS A 298 10.45 5.57 9.66
CA LYS A 298 9.91 5.88 8.31
C LYS A 298 10.12 7.37 8.00
N LEU A 299 9.85 8.23 8.99
CA LEU A 299 9.99 9.70 8.92
C LEU A 299 11.44 10.05 8.57
N LEU A 300 12.41 9.54 9.34
CA LEU A 300 13.87 9.76 9.09
C LEU A 300 14.23 9.32 7.67
N PHE A 301 13.73 8.15 7.26
CA PHE A 301 14.05 7.53 5.95
C PHE A 301 13.53 8.45 4.83
N GLN A 302 12.27 8.90 4.94
CA GLN A 302 11.63 9.82 3.98
C GLN A 302 12.42 11.14 3.92
N ALA A 303 12.91 11.64 5.06
CA ALA A 303 13.73 12.87 5.15
C ALA A 303 15.06 12.66 4.41
N ARG A 304 15.69 11.48 4.57
CA ARG A 304 16.95 11.12 3.86
C ARG A 304 16.70 11.05 2.35
N ILE A 305 15.55 10.53 1.96
CA ILE A 305 15.13 10.31 0.54
C ILE A 305 14.97 11.67 -0.16
N THR A 306 14.52 12.70 0.57
CA THR A 306 14.10 14.02 0.01
C THR A 306 15.10 15.13 0.35
N ARG A 307 16.17 14.85 1.11
CA ARG A 307 17.10 15.90 1.63
C ARG A 307 17.80 16.62 0.47
N GLY A 308 17.95 15.99 -0.69
CA GLY A 308 18.61 16.57 -1.87
C GLY A 308 17.88 17.77 -2.43
N LEU A 309 16.63 17.99 -2.03
CA LEU A 309 15.74 19.08 -2.53
C LEU A 309 15.89 20.34 -1.67
N LEU A 310 16.13 20.20 -0.37
CA LEU A 310 16.18 21.35 0.58
C LEU A 310 17.18 22.41 0.10
N VAL A 311 16.81 23.67 0.27
CA VAL A 311 17.69 24.81 -0.08
C VAL A 311 17.63 25.79 1.09
N GLU A 312 18.47 26.82 0.99
CA GLU A 312 18.55 27.91 2.01
C GLU A 312 17.31 28.80 1.91
N GLU A 313 17.10 29.63 2.93
CA GLU A 313 15.81 30.31 3.22
C GLU A 313 15.13 31.10 2.10
N PRO A 314 15.75 31.88 1.18
CA PRO A 314 14.90 32.56 0.21
C PRO A 314 14.36 31.52 -0.78
N TYR A 315 13.04 31.35 -0.86
CA TYR A 315 12.45 30.31 -1.74
C TYR A 315 11.75 30.96 -2.95
N SER A 316 12.28 30.70 -4.14
CA SER A 316 11.76 31.31 -5.38
C SER A 316 10.60 30.46 -5.91
N ILE A 317 9.78 31.01 -6.81
CA ILE A 317 8.68 30.28 -7.50
C ILE A 317 9.32 29.16 -8.34
N GLU A 318 10.45 29.45 -9.00
CA GLU A 318 11.19 28.46 -9.84
C GLU A 318 11.58 27.24 -8.98
N LYS A 319 12.03 27.47 -7.74
CA LYS A 319 12.46 26.39 -6.81
C LYS A 319 11.24 25.51 -6.46
N LEU A 320 10.13 26.14 -6.05
CA LEU A 320 8.85 25.47 -5.71
C LEU A 320 8.38 24.60 -6.89
N TYR A 321 8.56 25.05 -8.14
CA TYR A 321 8.25 24.28 -9.37
C TYR A 321 9.09 23.00 -9.42
N SER A 322 10.41 23.12 -9.25
CA SER A 322 11.37 22.01 -9.42
C SER A 322 11.19 20.98 -8.28
N VAL A 323 11.03 21.46 -7.05
CA VAL A 323 10.70 20.60 -5.87
C VAL A 323 9.40 19.84 -6.15
N SER A 324 8.34 20.53 -6.61
CA SER A 324 6.98 19.97 -6.85
C SER A 324 7.03 18.86 -7.91
N ASP A 325 7.75 19.10 -9.00
CA ASP A 325 7.88 18.16 -10.14
C ASP A 325 8.58 16.86 -9.67
N ARG A 326 9.33 16.89 -8.57
CA ARG A 326 10.01 15.69 -7.98
C ARG A 326 9.13 14.98 -6.94
N LEU A 327 8.37 15.72 -6.12
CA LEU A 327 7.62 15.16 -4.95
C LEU A 327 6.23 14.66 -5.37
N PHE A 328 5.63 15.25 -6.40
CA PHE A 328 4.17 15.12 -6.68
C PHE A 328 3.94 14.49 -8.06
N ARG A 329 2.76 13.88 -8.22
CA ARG A 329 2.29 13.21 -9.47
C ARG A 329 0.80 13.54 -9.68
N GLY A 330 0.23 12.99 -10.76
CA GLY A 330 -1.23 13.00 -11.04
C GLY A 330 -1.83 14.39 -10.92
N SER A 331 -3.05 14.49 -10.40
CA SER A 331 -3.82 15.76 -10.27
C SER A 331 -3.13 16.69 -9.26
N THR A 332 -2.45 16.12 -8.25
CA THR A 332 -1.73 16.88 -7.21
C THR A 332 -0.64 17.75 -7.88
N LEU A 333 0.23 17.18 -8.72
CA LEU A 333 1.31 17.93 -9.40
C LEU A 333 0.70 19.04 -10.26
N GLN A 334 -0.31 18.72 -11.08
CA GLN A 334 -0.95 19.67 -12.01
C GLN A 334 -1.61 20.81 -11.21
N ARG A 335 -2.24 20.52 -10.06
CA ARG A 335 -2.89 21.58 -9.23
C ARG A 335 -1.81 22.53 -8.68
N VAL A 336 -0.66 22.00 -8.25
CA VAL A 336 0.43 22.82 -7.66
C VAL A 336 0.99 23.75 -8.76
N ARG A 337 1.14 23.24 -9.98
CA ARG A 337 1.67 24.02 -11.13
C ARG A 337 0.70 25.14 -11.48
N VAL A 338 -0.61 24.89 -11.41
CA VAL A 338 -1.67 25.92 -11.70
C VAL A 338 -1.64 27.01 -10.61
N GLU A 339 -1.51 26.63 -9.34
CA GLU A 339 -1.50 27.56 -8.18
C GLU A 339 -0.25 28.44 -8.25
N LEU A 340 0.92 27.85 -8.49
CA LEU A 340 2.20 28.59 -8.63
C LEU A 340 2.12 29.53 -9.83
N GLY A 341 1.63 29.02 -10.96
CA GLY A 341 1.44 29.78 -12.22
C GLY A 341 0.66 31.06 -11.99
N LYS A 342 -0.40 31.01 -11.17
CA LYS A 342 -1.26 32.19 -10.90
C LYS A 342 -0.43 33.27 -10.20
N ILE A 343 0.42 32.88 -9.25
CA ILE A 343 1.35 33.79 -8.52
C ILE A 343 2.43 34.27 -9.49
N GLU A 344 2.88 33.40 -10.39
CA GLU A 344 3.90 33.73 -11.42
C GLU A 344 3.34 34.82 -12.34
N ASP A 345 2.17 34.57 -12.94
CA ASP A 345 1.50 35.47 -13.92
C ASP A 345 1.26 36.85 -13.28
N LYS A 346 1.02 36.90 -11.97
CA LYS A 346 0.85 38.17 -11.22
C LYS A 346 2.19 38.90 -11.14
N ALA A 347 3.28 38.18 -10.85
CA ALA A 347 4.65 38.74 -10.73
C ALA A 347 5.11 39.24 -12.11
N ILE A 348 4.78 38.53 -13.19
CA ILE A 348 5.07 38.95 -14.58
C ILE A 348 4.39 40.31 -14.84
N LYS A 349 3.10 40.43 -14.50
CA LYS A 349 2.30 41.68 -14.63
C LYS A 349 2.99 42.83 -13.87
N TYR A 350 3.30 42.63 -12.59
CA TYR A 350 4.00 43.60 -11.72
C TYR A 350 5.32 44.05 -12.38
N ALA A 351 6.02 43.12 -13.03
CA ALA A 351 7.35 43.34 -13.67
C ALA A 351 7.21 44.23 -14.92
N ARG A 352 6.17 44.02 -15.74
CA ARG A 352 5.92 44.80 -16.99
C ARG A 352 5.55 46.25 -16.64
N LYS A 353 5.04 46.51 -15.42
CA LYS A 353 4.72 47.87 -14.90
C LYS A 353 5.95 48.45 -14.18
N GLY A 354 7.08 47.74 -14.19
CA GLY A 354 8.31 48.12 -13.47
C GLY A 354 8.09 48.21 -11.97
N ALA A 355 7.26 47.31 -11.40
CA ALA A 355 6.92 47.27 -9.96
C ALA A 355 7.45 45.98 -9.33
N PHE A 356 7.96 46.08 -8.10
CA PHE A 356 8.67 45.00 -7.37
C PHE A 356 8.41 45.14 -5.88
N PRO A 357 7.22 44.71 -5.39
CA PRO A 357 6.87 44.79 -3.98
C PRO A 357 7.84 44.01 -3.08
N ARG A 358 7.87 44.34 -1.78
CA ARG A 358 8.73 43.67 -0.76
C ARG A 358 7.92 43.44 0.52
N ASP A 359 8.09 42.26 1.15
CA ASP A 359 7.36 41.83 2.37
C ASP A 359 5.90 42.28 2.26
N ILE A 360 5.22 41.85 1.19
CA ILE A 360 3.78 42.16 0.92
C ILE A 360 2.97 40.88 1.13
N PRO A 361 1.85 40.92 1.88
CA PRO A 361 0.97 39.75 2.00
C PRO A 361 0.45 39.34 0.61
N LEU A 362 0.34 38.03 0.38
CA LEU A 362 -0.06 37.44 -0.93
C LEU A 362 -1.46 37.96 -1.33
N ARG A 363 -2.38 38.12 -0.37
CA ARG A 363 -3.72 38.74 -0.59
C ARG A 363 -3.54 40.13 -1.21
N ASP A 364 -2.62 40.94 -0.69
CA ASP A 364 -2.36 42.32 -1.18
C ASP A 364 -1.67 42.23 -2.55
N PHE A 365 -0.82 41.22 -2.75
CA PHE A 365 -0.09 40.96 -4.02
C PHE A 365 -1.07 40.59 -5.14
N LEU A 366 -2.04 39.72 -4.84
CA LEU A 366 -3.01 39.23 -5.86
C LEU A 366 -4.24 40.12 -5.99
N GLY A 367 -4.46 41.06 -5.07
CA GLY A 367 -5.66 41.91 -5.18
C GLY A 367 -6.87 41.20 -4.62
N PHE A 368 -7.07 41.23 -3.32
CA PHE A 368 -8.20 40.48 -2.72
C PHE A 368 -9.20 41.41 -2.04
N ASP A 369 -10.48 41.08 -2.16
CA ASP A 369 -11.55 41.72 -1.34
C ASP A 369 -11.13 41.70 0.14
N ALA A 370 -11.81 42.49 0.97
CA ALA A 370 -11.72 42.44 2.44
C ALA A 370 -12.83 41.52 2.97
N ALA A 371 -13.33 40.62 2.12
CA ALA A 371 -14.38 39.62 2.44
C ALA A 371 -13.88 38.69 3.56
N ASN A 372 -12.90 37.83 3.27
CA ASN A 372 -12.54 36.66 4.11
C ASN A 372 -11.04 36.68 4.45
N ARG A 373 -10.72 36.92 5.72
CA ARG A 373 -9.33 36.90 6.27
C ARG A 373 -9.11 35.64 7.13
N GLU A 374 -10.17 34.89 7.47
CA GLU A 374 -10.03 33.65 8.29
C GLU A 374 -9.38 32.57 7.43
N VAL A 375 -8.45 31.81 8.04
CA VAL A 375 -7.68 30.73 7.36
C VAL A 375 -8.43 29.41 7.60
N SER A 376 -8.94 28.80 6.52
CA SER A 376 -9.76 27.56 6.53
C SER A 376 -8.93 26.39 5.99
N PRO A 377 -9.20 25.14 6.44
CA PRO A 377 -8.63 23.95 5.83
C PRO A 377 -8.85 23.88 4.31
N ARG A 378 -10.09 24.16 3.88
CA ARG A 378 -10.53 24.22 2.46
C ARG A 378 -9.50 25.01 1.64
N ASN A 379 -9.21 26.25 2.03
CA ASN A 379 -8.36 27.17 1.23
C ASN A 379 -6.89 26.76 1.33
N VAL A 380 -6.42 26.31 2.49
CA VAL A 380 -5.01 25.86 2.68
C VAL A 380 -4.71 24.61 1.82
N LEU A 381 -5.63 23.64 1.77
CA LEU A 381 -5.40 22.32 1.11
C LEU A 381 -5.70 22.39 -0.39
N ALA A 382 -6.62 23.26 -0.81
CA ALA A 382 -7.09 23.38 -2.22
C ALA A 382 -6.12 24.24 -3.04
N HIS A 383 -5.30 25.05 -2.37
CA HIS A 383 -4.40 26.06 -3.00
C HIS A 383 -2.94 25.71 -2.71
N ALA A 384 -2.62 24.42 -2.61
CA ALA A 384 -1.27 23.86 -2.45
C ALA A 384 -0.57 24.54 -1.27
N GLY A 385 -1.32 24.90 -0.22
CA GLY A 385 -0.80 25.53 1.00
C GLY A 385 -0.39 26.99 0.80
N LEU A 386 -0.54 27.56 -0.41
CA LEU A 386 -0.16 28.95 -0.75
C LEU A 386 -1.36 29.86 -0.50
N GLU A 387 -1.83 29.91 0.74
CA GLU A 387 -3.09 30.60 1.13
C GLU A 387 -2.76 32.08 1.37
N ALA A 388 -3.67 32.97 0.99
CA ALA A 388 -3.41 34.42 0.76
C ALA A 388 -3.17 35.16 2.07
N ASN A 389 -3.60 34.60 3.20
CA ASN A 389 -3.58 35.28 4.53
C ASN A 389 -2.40 34.79 5.39
N VAL A 390 -1.59 33.86 4.87
CA VAL A 390 -0.49 33.21 5.65
C VAL A 390 0.85 33.33 4.89
N VAL A 391 0.81 33.64 3.59
CA VAL A 391 2.04 33.74 2.73
C VAL A 391 2.37 35.22 2.52
N GLU A 392 3.67 35.51 2.53
CA GLU A 392 4.29 36.84 2.25
C GLU A 392 5.14 36.69 0.99
N VAL A 393 5.03 37.63 0.05
CA VAL A 393 5.74 37.62 -1.26
C VAL A 393 6.82 38.69 -1.22
N SER A 394 7.94 38.47 -1.92
CA SER A 394 9.01 39.47 -2.16
C SER A 394 9.51 39.34 -3.60
N MET A 395 9.37 40.41 -4.38
CA MET A 395 9.95 40.52 -5.75
C MET A 395 11.25 41.33 -5.65
N GLU A 396 12.39 40.65 -5.85
CA GLU A 396 13.75 41.25 -5.89
C GLU A 396 13.88 42.05 -7.21
N ALA A 397 13.98 43.38 -7.11
CA ALA A 397 14.06 44.32 -8.26
C ALA A 397 15.08 43.80 -9.27
N TRP A 398 14.71 43.77 -10.54
CA TRP A 398 15.64 43.53 -11.68
C TRP A 398 15.24 44.42 -12.86
N GLU A 399 16.06 44.46 -13.92
CA GLU A 399 15.80 45.20 -15.17
C GLU A 399 15.21 44.20 -16.17
N PRO A 400 13.86 44.18 -16.35
CA PRO A 400 13.23 43.16 -17.19
C PRO A 400 13.50 43.39 -18.68
N LYS A 401 13.64 42.30 -19.45
CA LYS A 401 13.62 42.32 -20.94
C LYS A 401 12.64 41.22 -21.42
N ARG A 402 12.71 40.05 -20.79
CA ARG A 402 11.79 38.93 -21.04
C ARG A 402 11.26 38.49 -19.68
N PRO A 403 10.35 39.28 -19.08
CA PRO A 403 9.85 39.05 -17.73
C PRO A 403 9.12 37.73 -17.53
N GLU A 404 8.54 37.16 -18.58
CA GLU A 404 7.83 35.87 -18.46
C GLU A 404 8.79 34.78 -17.97
N GLU A 405 10.05 34.77 -18.43
CA GLU A 405 11.00 33.73 -17.97
C GLU A 405 11.87 34.20 -16.81
N GLU A 406 11.74 35.43 -16.35
CA GLU A 406 12.67 35.89 -15.30
C GLU A 406 11.99 36.08 -13.94
N ALA A 407 10.68 36.25 -13.96
CA ALA A 407 9.88 36.55 -12.75
C ALA A 407 9.95 35.45 -11.68
N GLY A 408 9.92 34.19 -12.07
CA GLY A 408 9.93 33.07 -11.11
C GLY A 408 11.17 33.04 -10.24
N ARG A 409 12.33 33.31 -10.86
CA ARG A 409 13.63 33.34 -10.15
C ARG A 409 13.64 34.49 -9.13
N HIS A 410 13.00 35.63 -9.47
CA HIS A 410 13.07 36.80 -8.57
C HIS A 410 11.86 36.88 -7.64
N THR A 411 10.93 35.94 -7.71
CA THR A 411 9.76 36.03 -6.81
C THR A 411 9.91 35.00 -5.70
N HIS A 412 9.87 35.44 -4.45
CA HIS A 412 10.07 34.55 -3.28
C HIS A 412 8.82 34.51 -2.40
N LEU A 413 8.49 33.32 -1.92
CA LEU A 413 7.33 33.14 -1.03
C LEU A 413 7.83 32.65 0.32
N LYS A 414 7.20 33.09 1.40
CA LYS A 414 7.53 32.57 2.74
C LYS A 414 6.28 32.69 3.62
N TYR A 415 6.18 31.84 4.63
CA TYR A 415 5.01 31.90 5.54
C TYR A 415 5.31 32.94 6.62
N THR A 416 4.29 33.70 7.01
CA THR A 416 4.42 34.67 8.12
C THR A 416 4.59 33.86 9.40
N PRO A 417 5.21 34.41 10.47
CA PRO A 417 5.36 33.66 11.73
C PRO A 417 4.02 33.13 12.23
N VAL A 418 2.98 33.96 12.25
CA VAL A 418 1.59 33.63 12.68
C VAL A 418 0.98 32.64 11.67
N GLY A 419 1.09 32.95 10.38
CA GLY A 419 0.52 32.14 9.28
C GLY A 419 1.02 30.71 9.33
N LEU A 420 2.34 30.53 9.52
CA LEU A 420 2.99 29.20 9.58
C LEU A 420 2.34 28.37 10.69
N LYS A 421 2.06 28.98 11.85
CA LYS A 421 1.46 28.30 13.03
C LYS A 421 0.01 27.91 12.71
N LYS A 422 -0.73 28.71 11.94
CA LYS A 422 -2.13 28.40 11.51
C LYS A 422 -2.12 27.23 10.53
N VAL A 423 -1.11 27.18 9.65
CA VAL A 423 -0.98 26.11 8.61
C VAL A 423 -0.61 24.79 9.30
N GLU A 424 0.31 24.84 10.27
CA GLU A 424 0.79 23.67 11.07
C GLU A 424 -0.40 22.97 11.74
N ASP A 425 -1.32 23.76 12.33
CA ASP A 425 -2.53 23.27 13.02
C ASP A 425 -3.43 22.55 12.01
N ILE A 426 -3.70 23.20 10.87
CA ILE A 426 -4.65 22.70 9.82
C ILE A 426 -4.11 21.39 9.23
N VAL A 427 -2.84 21.36 8.82
CA VAL A 427 -2.21 20.18 8.16
C VAL A 427 -2.11 19.04 9.17
N SER A 428 -1.67 19.33 10.40
CA SER A 428 -1.56 18.34 11.50
C SER A 428 -2.94 17.71 11.76
N ARG A 429 -3.99 18.53 11.87
CA ARG A 429 -5.38 18.06 12.09
C ARG A 429 -5.84 17.24 10.88
N ALA A 430 -5.54 17.69 9.65
CA ALA A 430 -5.94 17.01 8.39
C ALA A 430 -5.27 15.62 8.28
N LEU A 431 -4.01 15.50 8.71
CA LEU A 431 -3.21 14.25 8.68
C LEU A 431 -3.81 13.22 9.63
N LYS A 432 -4.27 13.67 10.80
CA LYS A 432 -4.88 12.81 11.86
C LYS A 432 -6.30 12.41 11.44
N GLU A 433 -7.02 13.32 10.78
CA GLU A 433 -8.45 13.14 10.38
C GLU A 433 -8.56 12.10 9.25
N SER A 434 -7.52 11.97 8.41
CA SER A 434 -7.47 11.04 7.24
C SER A 434 -6.97 9.65 7.67
N HIS A 435 -6.24 9.56 8.79
CA HIS A 435 -5.74 8.30 9.40
C HIS A 435 -6.92 7.50 9.99
N MET B 3 -18.77 -5.41 10.68
CA MET B 3 -18.65 -6.86 10.30
C MET B 3 -17.23 -7.34 10.62
N LYS B 4 -17.12 -8.44 11.36
CA LYS B 4 -15.84 -9.08 11.79
C LYS B 4 -15.61 -10.33 10.95
N LEU B 5 -14.38 -10.48 10.41
CA LEU B 5 -14.00 -11.54 9.45
C LEU B 5 -12.67 -12.17 9.90
N LEU B 6 -12.66 -13.49 10.08
CA LEU B 6 -11.45 -14.30 10.39
C LEU B 6 -11.02 -15.06 9.15
N VAL B 7 -9.74 -14.99 8.79
CA VAL B 7 -9.13 -15.70 7.63
C VAL B 7 -7.91 -16.46 8.16
N VAL B 8 -7.78 -17.76 7.82
CA VAL B 8 -6.65 -18.62 8.24
C VAL B 8 -6.03 -19.29 7.01
N SER B 9 -4.70 -19.38 6.98
CA SER B 9 -3.90 -20.09 5.95
C SER B 9 -3.51 -21.46 6.50
N TRP B 10 -3.97 -22.54 5.86
CA TRP B 10 -3.85 -23.94 6.35
C TRP B 10 -2.97 -24.76 5.40
N GLY B 11 -2.10 -25.60 5.96
CA GLY B 11 -1.31 -26.61 5.25
C GLY B 11 -1.91 -28.00 5.42
N ASP B 12 -1.07 -29.00 5.69
CA ASP B 12 -1.52 -30.39 5.99
C ASP B 12 -2.06 -30.41 7.43
N PHE B 13 -3.31 -29.96 7.59
CA PHE B 13 -4.01 -29.78 8.89
C PHE B 13 -4.15 -31.13 9.62
N GLU B 14 -4.09 -32.25 8.89
CA GLU B 14 -4.23 -33.63 9.44
C GLU B 14 -3.01 -34.00 10.28
N ARG B 15 -1.80 -33.63 9.83
CA ARG B 15 -0.51 -33.97 10.51
C ARG B 15 -0.36 -33.22 11.84
N TRP B 16 -1.27 -32.30 12.17
CA TRP B 16 -1.17 -31.43 13.38
C TRP B 16 -1.42 -32.25 14.65
N LYS B 17 -0.52 -32.11 15.63
CA LYS B 17 -0.60 -32.80 16.94
C LYS B 17 -1.41 -31.92 17.90
N GLU B 18 -2.10 -32.54 18.86
CA GLU B 18 -2.87 -31.87 19.94
C GLU B 18 -1.90 -31.06 20.82
N THR B 19 -2.20 -29.78 21.04
CA THR B 19 -1.50 -28.89 22.02
C THR B 19 -2.56 -28.00 22.67
N LYS B 20 -2.16 -27.13 23.59
CA LYS B 20 -3.05 -26.08 24.15
C LYS B 20 -2.50 -24.70 23.77
N TYR B 21 -3.40 -23.72 23.59
CA TYR B 21 -3.12 -22.33 23.14
C TYR B 21 -3.68 -21.32 24.14
N ARG B 22 -2.97 -20.21 24.35
CA ARG B 22 -3.46 -19.01 25.10
C ARG B 22 -3.72 -17.88 24.10
N PHE B 23 -4.78 -17.11 24.31
CA PHE B 23 -5.13 -15.92 23.46
C PHE B 23 -6.19 -15.08 24.19
N GLY B 24 -5.89 -13.80 24.42
CA GLY B 24 -6.81 -12.80 24.99
C GLY B 24 -7.45 -13.28 26.29
N GLY B 25 -6.64 -13.72 27.26
CA GLY B 25 -7.10 -14.22 28.57
C GLY B 25 -8.05 -15.40 28.43
N GLU B 26 -7.68 -16.37 27.59
CA GLU B 26 -8.45 -17.63 27.34
C GLU B 26 -7.45 -18.75 27.04
N THR B 27 -7.89 -20.00 27.20
CA THR B 27 -7.10 -21.23 26.93
C THR B 27 -7.96 -22.18 26.08
N SER B 28 -7.32 -23.09 25.34
CA SER B 28 -7.99 -24.08 24.44
C SER B 28 -7.01 -25.21 24.12
N VAL B 29 -7.51 -26.45 24.07
CA VAL B 29 -6.73 -27.68 23.75
C VAL B 29 -7.26 -28.24 22.43
N GLY B 30 -6.38 -28.45 21.45
CA GLY B 30 -6.74 -29.00 20.13
C GLY B 30 -5.59 -28.96 19.13
N PRO B 31 -5.82 -29.43 17.88
CA PRO B 31 -4.79 -29.47 16.84
C PRO B 31 -4.61 -28.18 16.03
N SER B 32 -5.62 -27.30 15.96
CA SER B 32 -5.51 -25.96 15.30
C SER B 32 -5.98 -24.85 16.25
N THR B 33 -5.73 -23.61 15.87
CA THR B 33 -6.01 -22.38 16.66
C THR B 33 -7.38 -21.81 16.33
N LEU B 34 -8.05 -22.32 15.30
CA LEU B 34 -9.33 -21.76 14.78
C LEU B 34 -10.37 -21.68 15.90
N PRO B 35 -10.53 -22.72 16.77
CA PRO B 35 -11.52 -22.68 17.85
C PRO B 35 -11.37 -21.51 18.85
N ILE B 36 -10.14 -21.24 19.30
CA ILE B 36 -9.86 -20.17 20.31
C ILE B 36 -9.92 -18.79 19.62
N LEU B 37 -9.39 -18.66 18.41
CA LEU B 37 -9.55 -17.43 17.57
C LEU B 37 -11.05 -17.14 17.45
N GLN B 38 -11.87 -18.14 17.08
CA GLN B 38 -13.34 -18.01 17.00
C GLN B 38 -13.91 -17.61 18.36
N LYS B 39 -13.43 -18.23 19.45
CA LYS B 39 -13.95 -17.98 20.83
C LYS B 39 -13.69 -16.51 21.22
N VAL B 40 -12.42 -16.08 21.13
CA VAL B 40 -11.96 -14.73 21.60
C VAL B 40 -12.47 -13.65 20.63
N ILE B 41 -12.35 -13.88 19.32
CA ILE B 41 -12.64 -12.85 18.27
C ILE B 41 -14.16 -12.75 18.03
N LYS B 42 -14.88 -13.87 18.10
CA LYS B 42 -16.34 -13.96 17.78
C LYS B 42 -16.59 -13.40 16.37
N PRO B 43 -16.03 -14.03 15.32
CA PRO B 43 -16.25 -13.56 13.94
C PRO B 43 -17.69 -13.80 13.43
N ASP B 44 -18.15 -12.91 12.54
CA ASP B 44 -19.45 -13.03 11.81
C ASP B 44 -19.30 -14.00 10.63
N TRP B 45 -18.06 -14.28 10.22
CA TRP B 45 -17.73 -15.21 9.11
C TRP B 45 -16.25 -15.60 9.16
N THR B 46 -15.93 -16.84 8.76
CA THR B 46 -14.57 -17.43 8.78
C THR B 46 -14.21 -17.97 7.39
N VAL B 47 -13.00 -17.68 6.91
CA VAL B 47 -12.48 -18.16 5.61
C VAL B 47 -11.25 -19.03 5.88
N ILE B 48 -11.22 -20.23 5.29
CA ILE B 48 -10.06 -21.16 5.36
C ILE B 48 -9.47 -21.28 3.95
N VAL B 49 -8.21 -20.86 3.79
CA VAL B 49 -7.43 -21.03 2.52
C VAL B 49 -6.55 -22.26 2.70
N LEU B 50 -6.75 -23.29 1.87
CA LEU B 50 -5.93 -24.53 1.77
C LEU B 50 -5.24 -24.58 0.40
N SER B 51 -4.15 -25.34 0.31
CA SER B 51 -3.55 -25.85 -0.94
C SER B 51 -4.30 -27.12 -1.35
N ASP B 52 -4.60 -27.28 -2.64
CA ASP B 52 -5.23 -28.51 -3.20
C ASP B 52 -4.21 -29.65 -3.28
N THR B 53 -2.94 -29.38 -2.95
CA THR B 53 -1.80 -30.34 -3.05
C THR B 53 -1.92 -31.45 -2.00
N ILE B 54 -2.95 -31.42 -1.14
CA ILE B 54 -3.24 -32.53 -0.17
C ILE B 54 -4.19 -33.54 -0.81
N GLY B 55 -4.67 -33.30 -2.04
CA GLY B 55 -5.52 -34.22 -2.81
C GLY B 55 -4.83 -35.56 -3.08
N LYS B 56 -5.60 -36.65 -3.15
CA LYS B 56 -5.09 -38.04 -3.31
C LYS B 56 -5.79 -38.79 -4.46
N ASP B 57 -7.11 -38.63 -4.63
CA ASP B 57 -7.91 -39.29 -5.72
C ASP B 57 -7.86 -38.44 -6.99
N PHE B 58 -7.11 -38.90 -8.00
CA PHE B 58 -6.75 -38.16 -9.24
C PHE B 58 -7.65 -38.58 -10.42
N SER B 59 -8.88 -39.02 -10.16
CA SER B 59 -9.85 -39.46 -11.21
C SER B 59 -10.18 -38.29 -12.15
N SER B 60 -10.32 -37.08 -11.61
CA SER B 60 -10.63 -35.83 -12.36
C SER B 60 -10.40 -34.61 -11.47
N VAL B 61 -10.57 -33.40 -12.01
CA VAL B 61 -10.37 -32.11 -11.30
C VAL B 61 -11.37 -32.02 -10.14
N GLU B 62 -12.64 -32.34 -10.41
CA GLU B 62 -13.78 -32.13 -9.47
C GLU B 62 -13.76 -33.18 -8.36
N THR B 63 -13.00 -34.28 -8.52
CA THR B 63 -12.83 -35.34 -7.49
C THR B 63 -11.58 -35.07 -6.63
N LEU B 64 -10.73 -34.13 -7.03
CA LEU B 64 -9.59 -33.63 -6.21
C LEU B 64 -10.12 -32.58 -5.23
N ARG B 65 -10.92 -31.62 -5.72
CA ARG B 65 -11.51 -30.53 -4.91
C ARG B 65 -12.61 -31.13 -4.01
N GLU B 66 -13.25 -32.22 -4.44
CA GLU B 66 -14.21 -33.03 -3.62
C GLU B 66 -13.45 -33.68 -2.46
N ASP B 67 -12.43 -34.47 -2.78
CA ASP B 67 -11.59 -35.22 -1.79
C ASP B 67 -11.09 -34.25 -0.71
N VAL B 68 -10.44 -33.15 -1.12
CA VAL B 68 -9.83 -32.12 -0.22
C VAL B 68 -10.93 -31.51 0.65
N ARG B 69 -12.09 -31.20 0.05
CA ARG B 69 -13.24 -30.51 0.73
C ARG B 69 -13.84 -31.46 1.79
N ASN B 70 -13.96 -32.75 1.47
CA ASN B 70 -14.47 -33.80 2.40
C ASN B 70 -13.62 -33.79 3.68
N ARG B 71 -12.30 -33.93 3.53
CA ARG B 71 -11.35 -34.10 4.67
C ARG B 71 -11.29 -32.80 5.49
N VAL B 72 -11.59 -31.65 4.87
CA VAL B 72 -11.66 -30.32 5.55
C VAL B 72 -12.94 -30.28 6.41
N MET B 73 -14.10 -30.55 5.80
CA MET B 73 -15.43 -30.49 6.49
C MET B 73 -15.51 -31.53 7.62
N ASP B 74 -14.81 -32.67 7.48
CA ASP B 74 -14.65 -33.67 8.57
C ASP B 74 -13.89 -33.03 9.74
N PHE B 75 -12.77 -32.38 9.44
CA PHE B 75 -11.85 -31.75 10.43
C PHE B 75 -12.53 -30.57 11.13
N LEU B 76 -13.32 -29.79 10.40
CA LEU B 76 -14.08 -28.63 10.95
C LEU B 76 -15.16 -29.12 11.91
N ASP B 77 -15.74 -30.29 11.66
CA ASP B 77 -16.77 -30.92 12.52
C ASP B 77 -16.09 -31.53 13.75
N ARG B 78 -14.84 -31.98 13.60
CA ARG B 78 -14.04 -32.66 14.66
C ARG B 78 -13.71 -31.70 15.81
N ILE B 79 -13.40 -30.43 15.53
CA ILE B 79 -13.07 -29.41 16.58
C ILE B 79 -14.06 -28.23 16.53
N GLY B 80 -15.18 -28.38 15.81
CA GLY B 80 -16.32 -27.43 15.84
C GLY B 80 -15.94 -26.04 15.39
N ALA B 81 -15.75 -25.85 14.08
CA ALA B 81 -15.52 -24.55 13.41
C ALA B 81 -16.86 -23.95 12.96
N GLY B 82 -17.97 -24.69 13.17
CA GLY B 82 -19.34 -24.21 12.92
C GLY B 82 -19.70 -24.25 11.45
N ARG B 83 -20.81 -23.60 11.09
CA ARG B 83 -21.39 -23.54 9.72
C ARG B 83 -20.84 -22.32 8.96
N GLU B 84 -20.62 -21.21 9.68
CA GLU B 84 -20.33 -19.87 9.11
C GLU B 84 -18.88 -19.86 8.59
N VAL B 85 -18.61 -20.65 7.55
CA VAL B 85 -17.25 -20.94 7.02
C VAL B 85 -17.31 -21.07 5.49
N ASP B 86 -16.46 -20.34 4.79
CA ASP B 86 -16.12 -20.55 3.35
C ASP B 86 -14.75 -21.23 3.27
N VAL B 87 -14.63 -22.24 2.41
CA VAL B 87 -13.38 -23.02 2.21
C VAL B 87 -12.86 -22.71 0.81
N ILE B 88 -11.71 -22.04 0.73
CA ILE B 88 -11.00 -21.70 -0.54
C ILE B 88 -9.91 -22.75 -0.78
N ILE B 89 -10.06 -23.57 -1.82
CA ILE B 89 -9.06 -24.63 -2.19
C ILE B 89 -8.17 -24.06 -3.30
N ALA B 90 -7.10 -23.36 -2.90
CA ALA B 90 -6.19 -22.64 -3.82
C ALA B 90 -5.33 -23.63 -4.58
N PRO B 91 -4.95 -23.30 -5.83
CA PRO B 91 -4.07 -24.16 -6.64
C PRO B 91 -2.62 -24.09 -6.15
N GLY B 92 -2.11 -25.19 -5.60
CA GLY B 92 -0.72 -25.33 -5.13
C GLY B 92 0.12 -26.07 -6.15
N ILE B 93 1.44 -26.01 -6.01
CA ILE B 93 2.40 -26.76 -6.87
C ILE B 93 3.37 -27.52 -5.97
N GLY B 94 4.08 -28.52 -6.53
CA GLY B 94 5.08 -29.34 -5.83
C GLY B 94 4.91 -30.82 -6.16
N GLU B 95 6.01 -31.58 -6.09
CA GLU B 95 6.04 -33.05 -6.27
C GLU B 95 5.95 -33.72 -4.89
N PHE B 96 4.80 -34.34 -4.59
CA PHE B 96 4.49 -34.96 -3.27
C PHE B 96 4.42 -36.48 -3.41
N THR B 97 4.19 -37.17 -2.29
CA THR B 97 4.26 -38.65 -2.13
C THR B 97 3.07 -39.31 -2.85
N HIS B 98 1.91 -38.64 -2.88
CA HIS B 98 0.62 -39.19 -3.37
C HIS B 98 0.11 -38.40 -4.59
N GLY B 99 0.99 -37.60 -5.24
CA GLY B 99 0.59 -36.80 -6.41
C GLY B 99 1.58 -35.69 -6.76
N SER B 100 1.52 -35.24 -8.02
CA SER B 100 2.34 -34.16 -8.64
C SER B 100 1.41 -33.02 -9.09
N PHE B 101 1.83 -31.77 -8.91
CA PHE B 101 1.03 -30.55 -9.20
C PHE B 101 1.91 -29.50 -9.89
N ARG B 102 1.71 -29.29 -11.19
CA ARG B 102 2.56 -28.39 -12.02
C ARG B 102 1.73 -27.18 -12.47
N GLY B 103 2.34 -25.99 -12.44
CA GLY B 103 1.69 -24.73 -12.82
C GLY B 103 2.44 -23.51 -12.32
N SER B 104 1.97 -22.31 -12.68
CA SER B 104 2.44 -21.00 -12.16
C SER B 104 2.13 -20.93 -10.67
N ALA B 105 3.15 -20.65 -9.85
CA ALA B 105 3.04 -20.45 -8.39
C ALA B 105 2.07 -19.30 -8.09
N MET B 106 2.01 -18.29 -8.95
CA MET B 106 1.22 -17.04 -8.77
C MET B 106 -0.28 -17.28 -9.00
N ASP B 107 -0.67 -18.43 -9.57
CA ASP B 107 -2.11 -18.81 -9.72
C ASP B 107 -2.80 -18.79 -8.35
N ALA B 108 -2.06 -19.11 -7.28
CA ALA B 108 -2.57 -19.18 -5.89
C ALA B 108 -3.00 -17.78 -5.43
N TYR B 109 -2.28 -16.74 -5.84
CA TYR B 109 -2.61 -15.32 -5.54
C TYR B 109 -3.90 -14.91 -6.28
N TYR B 110 -3.94 -15.13 -7.59
CA TYR B 110 -5.06 -14.69 -8.48
C TYR B 110 -6.34 -15.46 -8.12
N TYR B 111 -6.22 -16.74 -7.75
CA TYR B 111 -7.35 -17.60 -7.36
C TYR B 111 -7.89 -17.17 -5.99
N VAL B 112 -7.01 -16.95 -5.01
CA VAL B 112 -7.39 -16.47 -3.65
C VAL B 112 -7.96 -15.04 -3.76
N LEU B 113 -7.33 -14.17 -4.56
CA LEU B 113 -7.81 -12.79 -4.81
C LEU B 113 -9.25 -12.86 -5.32
N HIS B 114 -9.50 -13.71 -6.32
CA HIS B 114 -10.85 -13.93 -6.94
C HIS B 114 -11.83 -14.47 -5.89
N ALA B 115 -11.42 -15.46 -5.10
CA ALA B 115 -12.27 -16.11 -4.06
C ALA B 115 -12.63 -15.08 -2.98
N LEU B 116 -11.65 -14.30 -2.51
CA LEU B 116 -11.84 -13.27 -1.44
C LEU B 116 -12.76 -12.15 -1.95
N SER B 117 -12.65 -11.79 -3.24
CA SER B 117 -13.44 -10.70 -3.86
C SER B 117 -14.94 -11.00 -3.80
N GLU B 118 -15.32 -12.28 -3.65
CA GLU B 118 -16.73 -12.76 -3.61
C GLU B 118 -17.23 -12.92 -2.16
N ILE B 119 -16.33 -12.85 -1.16
CA ILE B 119 -16.65 -13.15 0.27
C ILE B 119 -16.64 -11.84 1.09
N ILE B 120 -15.58 -11.05 1.01
CA ILE B 120 -15.44 -9.78 1.78
C ILE B 120 -16.68 -8.93 1.48
N PRO B 121 -17.47 -8.51 2.50
CA PRO B 121 -18.64 -7.66 2.26
C PRO B 121 -18.23 -6.31 1.66
N THR B 122 -19.07 -5.76 0.77
CA THR B 122 -18.81 -4.51 0.01
C THR B 122 -19.59 -3.34 0.62
N LYS B 123 -20.49 -3.60 1.59
CA LYS B 123 -21.20 -2.57 2.39
C LYS B 123 -20.71 -2.64 3.84
N GLY B 124 -20.64 -1.50 4.52
CA GLY B 124 -20.38 -1.40 5.97
C GLY B 124 -18.91 -1.55 6.31
N ASP B 125 -18.55 -1.26 7.57
CA ASP B 125 -17.15 -1.32 8.09
C ASP B 125 -16.68 -2.78 8.15
N LEU B 126 -15.36 -2.98 8.21
CA LEU B 126 -14.70 -4.31 8.21
C LEU B 126 -13.65 -4.37 9.32
N GLU B 127 -13.72 -5.40 10.16
CA GLU B 127 -12.68 -5.74 11.17
C GLU B 127 -12.10 -7.11 10.80
N VAL B 128 -10.88 -7.15 10.28
CA VAL B 128 -10.30 -8.36 9.61
C VAL B 128 -9.20 -8.94 10.50
N HIS B 129 -9.26 -10.27 10.71
CA HIS B 129 -8.32 -11.04 11.56
C HIS B 129 -7.70 -12.13 10.67
N PHE B 130 -6.37 -12.25 10.69
CA PHE B 130 -5.60 -13.16 9.80
C PHE B 130 -4.61 -13.98 10.62
N ASP B 131 -4.82 -15.31 10.68
CA ASP B 131 -3.90 -16.28 11.34
C ASP B 131 -2.99 -16.92 10.29
N SER B 132 -1.68 -16.71 10.40
CA SER B 132 -0.63 -17.21 9.49
C SER B 132 0.11 -18.40 10.12
N THR B 133 -0.39 -18.91 11.26
CA THR B 133 0.28 -19.93 12.11
C THR B 133 0.91 -21.02 11.25
N ALA B 134 0.11 -21.65 10.38
CA ALA B 134 0.46 -22.92 9.73
C ALA B 134 -0.18 -23.03 8.34
N GLY B 135 0.46 -22.44 7.33
CA GLY B 135 0.21 -22.72 5.90
C GLY B 135 1.53 -22.88 5.16
N LEU B 136 1.50 -23.34 3.90
CA LEU B 136 2.67 -23.25 3.00
C LEU B 136 3.16 -21.80 3.01
N ASN B 137 4.47 -21.59 3.23
CA ASN B 137 5.10 -20.25 3.33
C ASN B 137 4.50 -19.31 2.28
N TYR B 138 4.59 -19.67 0.99
CA TYR B 138 4.29 -18.77 -0.16
C TYR B 138 2.78 -18.57 -0.29
N VAL B 139 1.99 -19.61 -0.02
CA VAL B 139 0.49 -19.55 -0.10
C VAL B 139 -0.01 -18.59 0.99
N THR B 140 0.60 -18.60 2.17
CA THR B 140 0.27 -17.71 3.31
C THR B 140 0.64 -16.26 2.93
N LEU B 141 1.80 -16.08 2.30
CA LEU B 141 2.29 -14.75 1.82
C LEU B 141 1.33 -14.19 0.77
N LEU B 142 0.99 -14.98 -0.26
CA LEU B 142 0.10 -14.56 -1.37
C LEU B 142 -1.32 -14.33 -0.86
N THR B 143 -1.76 -15.09 0.15
CA THR B 143 -3.09 -14.92 0.80
C THR B 143 -3.11 -13.59 1.53
N TYR B 144 -2.04 -13.26 2.25
CA TYR B 144 -1.86 -11.98 3.00
C TYR B 144 -1.90 -10.80 2.01
N ARG B 145 -1.11 -10.89 0.93
CA ARG B 145 -1.05 -9.85 -0.13
C ARG B 145 -2.45 -9.67 -0.73
N ALA B 146 -3.15 -10.77 -1.04
CA ALA B 146 -4.50 -10.75 -1.67
C ALA B 146 -5.51 -10.07 -0.75
N LEU B 147 -5.38 -10.27 0.57
CA LEU B 147 -6.27 -9.65 1.59
C LEU B 147 -6.05 -8.14 1.57
N LYS B 148 -4.80 -7.72 1.79
CA LYS B 148 -4.40 -6.28 1.88
C LYS B 148 -4.78 -5.54 0.60
N ASP B 149 -4.53 -6.13 -0.57
CA ASP B 149 -4.87 -5.50 -1.88
C ASP B 149 -6.36 -5.17 -1.89
N LEU B 150 -7.23 -6.11 -1.49
CA LEU B 150 -8.71 -5.94 -1.52
C LEU B 150 -9.17 -4.98 -0.41
N LEU B 151 -8.60 -5.06 0.79
CA LEU B 151 -9.03 -4.25 1.95
C LEU B 151 -8.67 -2.77 1.71
N GLY B 152 -7.52 -2.53 1.08
CA GLY B 152 -7.10 -1.19 0.63
C GLY B 152 -8.18 -0.52 -0.21
N ILE B 153 -8.84 -1.29 -1.08
CA ILE B 153 -9.93 -0.78 -1.97
C ILE B 153 -11.19 -0.57 -1.11
N ALA B 154 -11.49 -1.50 -0.19
CA ALA B 154 -12.64 -1.42 0.75
C ALA B 154 -12.54 -0.14 1.57
N ALA B 155 -11.32 0.21 2.01
CA ALA B 155 -10.99 1.36 2.89
C ALA B 155 -11.29 2.70 2.19
N VAL B 156 -11.48 2.71 0.87
CA VAL B 156 -11.89 3.93 0.10
C VAL B 156 -13.23 4.43 0.67
N MET B 157 -14.14 3.52 1.02
CA MET B 157 -15.57 3.83 1.31
C MET B 157 -15.94 3.54 2.77
N ASN B 158 -15.18 2.68 3.46
CA ASN B 158 -15.54 2.15 4.79
C ASN B 158 -14.30 2.11 5.67
N THR B 159 -14.48 2.12 7.00
CA THR B 159 -13.37 1.98 7.99
C THR B 159 -12.96 0.50 8.02
N VAL B 160 -11.67 0.23 7.87
CA VAL B 160 -11.10 -1.14 7.77
C VAL B 160 -9.90 -1.24 8.70
N THR B 161 -9.99 -2.13 9.69
CA THR B 161 -8.92 -2.46 10.66
C THR B 161 -8.50 -3.91 10.43
N PHE B 162 -7.19 -4.18 10.40
CA PHE B 162 -6.60 -5.49 10.08
C PHE B 162 -5.63 -5.92 11.18
N TYR B 163 -5.92 -7.06 11.81
CA TYR B 163 -5.04 -7.74 12.81
C TYR B 163 -4.48 -9.03 12.20
N ALA B 164 -3.19 -9.28 12.38
CA ALA B 164 -2.51 -10.55 12.02
C ALA B 164 -1.99 -11.24 13.28
N TYR B 165 -1.98 -12.58 13.28
CA TYR B 165 -1.50 -13.44 14.39
C TYR B 165 -0.56 -14.51 13.85
N ASN B 166 0.43 -14.87 14.68
CA ASN B 166 1.26 -16.09 14.56
C ASN B 166 1.48 -16.63 15.98
N SER B 167 1.40 -17.95 16.15
CA SER B 167 1.56 -18.61 17.47
C SER B 167 3.05 -18.83 17.71
N ASP B 168 3.45 -18.94 18.98
CA ASP B 168 4.79 -19.44 19.38
C ASP B 168 5.06 -20.70 18.54
N PRO B 169 6.31 -20.95 18.11
CA PRO B 169 6.60 -22.17 17.36
C PRO B 169 6.24 -23.40 18.21
N PHE B 170 5.43 -24.29 17.66
CA PHE B 170 5.24 -25.67 18.17
C PHE B 170 6.57 -26.41 17.99
N VAL B 171 7.24 -26.72 19.10
CA VAL B 171 8.47 -27.56 19.13
C VAL B 171 8.13 -28.81 19.94
N PRO B 172 7.86 -29.94 19.27
CA PRO B 172 7.15 -31.05 19.90
C PRO B 172 7.74 -31.64 21.18
N LYS B 173 9.05 -31.81 21.24
CA LYS B 173 9.62 -32.41 22.47
C LYS B 173 9.40 -31.52 23.70
N ILE B 174 9.45 -30.20 23.57
CA ILE B 174 9.40 -29.33 24.80
C ILE B 174 8.13 -28.52 24.98
N THR B 175 7.25 -28.40 23.99
CA THR B 175 6.11 -27.46 24.15
C THR B 175 5.11 -27.88 25.25
N LYS B 176 4.74 -26.92 26.11
CA LYS B 176 3.68 -27.13 27.13
C LYS B 176 2.41 -26.42 26.66
N GLU B 177 2.52 -25.15 26.30
CA GLU B 177 1.44 -24.33 25.68
C GLU B 177 2.05 -23.36 24.66
N LEU B 178 1.21 -22.76 23.81
CA LEU B 178 1.62 -21.81 22.75
C LEU B 178 0.72 -20.56 22.81
N ASN B 179 1.34 -19.38 22.91
CA ASN B 179 0.64 -18.07 22.87
C ASN B 179 0.29 -17.75 21.41
N ILE B 180 -0.87 -17.14 21.17
CA ILE B 180 -1.27 -16.54 19.87
C ILE B 180 -0.84 -15.07 19.89
N ASN B 181 0.31 -14.76 19.28
CA ASN B 181 0.96 -13.42 19.29
C ASN B 181 0.38 -12.55 18.18
N THR B 182 -0.04 -11.32 18.52
CA THR B 182 -0.39 -10.26 17.53
C THR B 182 0.90 -9.75 16.86
N ILE B 183 1.06 -10.01 15.56
CA ILE B 183 2.24 -9.60 14.74
C ILE B 183 1.92 -8.35 13.92
N GLU B 184 0.65 -7.95 13.84
CA GLU B 184 0.21 -6.70 13.14
C GLU B 184 -1.12 -6.20 13.74
N THR B 185 -1.27 -4.89 13.82
CA THR B 185 -2.54 -4.18 14.12
C THR B 185 -2.50 -2.84 13.38
N THR B 186 -3.29 -2.69 12.32
CA THR B 186 -3.28 -1.51 11.42
C THR B 186 -4.71 -1.12 11.02
N MET B 187 -4.99 0.18 11.00
CA MET B 187 -6.13 0.78 10.27
C MET B 187 -5.70 0.90 8.79
N VAL B 188 -6.45 0.27 7.88
CA VAL B 188 -6.03 0.05 6.47
C VAL B 188 -6.24 1.36 5.69
N LYS B 189 -5.18 1.87 5.07
CA LYS B 189 -5.17 3.16 4.33
C LYS B 189 -5.99 3.02 3.05
N PRO B 190 -6.85 4.00 2.71
CA PRO B 190 -7.62 3.95 1.46
C PRO B 190 -6.69 4.02 0.24
N THR B 191 -6.69 2.96 -0.58
CA THR B 191 -5.86 2.83 -1.80
C THR B 191 -6.75 2.41 -2.97
N PRO B 192 -7.24 3.38 -3.79
CA PRO B 192 -7.98 3.04 -5.00
C PRO B 192 -7.06 2.32 -5.99
N LEU B 193 -7.64 1.51 -6.87
CA LEU B 193 -6.91 0.85 -7.98
C LEU B 193 -6.17 1.95 -8.76
N SER B 194 -4.87 1.76 -9.01
CA SER B 194 -3.96 2.80 -9.57
C SER B 194 -3.03 2.20 -10.61
N GLU B 195 -3.49 1.19 -11.36
CA GLU B 195 -2.74 0.56 -12.46
C GLU B 195 -3.67 0.42 -13.68
N PRO B 196 -3.16 0.63 -14.90
CA PRO B 196 -3.97 0.45 -16.10
C PRO B 196 -4.23 -1.04 -16.35
N LEU B 197 -5.17 -1.34 -17.25
CA LEU B 197 -5.39 -2.70 -17.80
C LEU B 197 -4.22 -3.02 -18.73
N PRO B 198 -3.55 -4.18 -18.58
CA PRO B 198 -2.39 -4.51 -19.41
C PRO B 198 -2.78 -4.90 -20.84
N GLY B 199 -1.79 -5.22 -21.68
CA GLY B 199 -1.98 -5.77 -23.04
C GLY B 199 -2.68 -7.12 -22.99
N PHE B 200 -3.30 -7.55 -24.09
CA PHE B 200 -4.21 -8.72 -24.13
C PHE B 200 -3.40 -10.03 -24.03
N ASP B 201 -2.11 -9.95 -23.73
CA ASP B 201 -1.22 -11.10 -23.46
C ASP B 201 -1.20 -11.45 -21.97
N GLU B 202 -1.65 -10.53 -21.10
CA GLU B 202 -1.40 -10.56 -19.63
C GLU B 202 -2.67 -10.91 -18.85
N TYR B 203 -3.67 -11.52 -19.49
CA TYR B 203 -4.95 -11.93 -18.84
C TYR B 203 -4.86 -13.42 -18.48
N LEU B 204 -4.72 -14.27 -19.49
CA LEU B 204 -4.32 -15.70 -19.36
C LEU B 204 -3.02 -15.90 -20.13
N CYS B 205 -2.09 -16.69 -19.59
CA CYS B 205 -0.76 -16.96 -20.18
C CYS B 205 -0.54 -18.46 -20.26
N PRO B 206 0.24 -18.95 -21.26
CA PRO B 206 0.57 -20.37 -21.34
C PRO B 206 1.58 -20.75 -20.26
N TYR B 207 1.33 -21.83 -19.52
CA TYR B 207 2.33 -22.45 -18.61
C TYR B 207 3.04 -23.58 -19.36
N SER B 208 2.30 -24.62 -19.73
CA SER B 208 2.77 -25.77 -20.55
C SER B 208 1.78 -26.02 -21.69
N MET B 209 1.54 -25.00 -22.51
CA MET B 209 0.69 -25.07 -23.72
C MET B 209 1.51 -24.57 -24.92
N GLU B 210 1.51 -25.33 -26.01
CA GLU B 210 2.17 -24.97 -27.30
C GLU B 210 1.59 -23.60 -27.71
N ARG B 211 2.46 -22.68 -28.16
CA ARG B 211 2.13 -21.25 -28.36
C ARG B 211 1.07 -21.07 -29.46
N ALA B 212 1.00 -22.00 -30.42
CA ALA B 212 -0.01 -22.01 -31.51
C ALA B 212 -1.40 -22.21 -30.91
N GLU B 213 -1.52 -23.09 -29.90
CA GLU B 213 -2.80 -23.43 -29.22
C GLU B 213 -3.28 -22.21 -28.42
N PHE B 214 -2.38 -21.52 -27.71
CA PHE B 214 -2.67 -20.28 -26.94
C PHE B 214 -3.35 -19.27 -27.86
N VAL B 215 -2.68 -18.90 -28.96
CA VAL B 215 -3.17 -17.90 -29.96
C VAL B 215 -4.59 -18.29 -30.38
N ARG B 216 -4.81 -19.56 -30.70
CA ARG B 216 -6.13 -20.13 -31.08
C ARG B 216 -7.17 -19.78 -30.01
N LEU B 217 -6.90 -20.13 -28.75
CA LEU B 217 -7.85 -20.01 -27.62
C LEU B 217 -7.99 -18.54 -27.21
N LYS B 218 -6.89 -17.77 -27.22
CA LYS B 218 -6.90 -16.30 -27.02
C LYS B 218 -7.88 -15.66 -28.02
N GLY B 219 -7.93 -16.18 -29.25
CA GLY B 219 -8.79 -15.69 -30.34
C GLY B 219 -10.26 -15.98 -30.10
N SER B 220 -10.58 -17.02 -29.31
CA SER B 220 -11.95 -17.53 -29.06
C SER B 220 -12.59 -16.82 -27.86
N LEU B 221 -11.81 -16.11 -27.05
CA LEU B 221 -12.30 -15.44 -25.81
C LEU B 221 -13.03 -14.15 -26.17
N ASN B 222 -14.34 -14.11 -25.92
CA ASN B 222 -15.21 -12.93 -26.16
C ASN B 222 -14.88 -11.82 -25.15
N THR B 223 -14.18 -12.14 -24.06
CA THR B 223 -13.72 -11.15 -23.03
C THR B 223 -12.70 -10.19 -23.65
N LEU B 224 -11.65 -10.72 -24.28
CA LEU B 224 -10.52 -9.92 -24.83
C LEU B 224 -11.01 -9.03 -25.99
N LYS B 225 -11.99 -9.50 -26.76
CA LYS B 225 -12.59 -8.74 -27.89
C LYS B 225 -13.41 -7.57 -27.34
N ASN B 226 -14.16 -7.80 -26.25
CA ASN B 226 -14.98 -6.75 -25.59
C ASN B 226 -14.05 -5.73 -24.93
N LEU B 227 -12.93 -6.17 -24.35
CA LEU B 227 -11.94 -5.30 -23.66
C LEU B 227 -11.28 -4.36 -24.67
N ARG B 228 -11.16 -4.77 -25.94
CA ARG B 228 -10.61 -3.92 -27.06
C ARG B 228 -11.38 -2.60 -27.08
N LYS B 229 -12.71 -2.67 -27.07
CA LYS B 229 -13.63 -1.51 -27.05
C LYS B 229 -13.44 -0.72 -25.74
N GLU B 230 -13.53 -1.40 -24.59
CA GLU B 230 -13.88 -0.81 -23.28
C GLU B 230 -12.63 -0.45 -22.44
N LYS B 231 -11.45 -0.95 -22.82
CA LYS B 231 -10.19 -0.80 -22.04
C LYS B 231 -10.00 0.66 -21.60
N LYS B 232 -10.09 1.59 -22.55
CA LYS B 232 -9.83 3.04 -22.32
C LYS B 232 -10.91 3.65 -21.43
N LYS B 233 -12.18 3.26 -21.62
CA LYS B 233 -13.33 3.71 -20.78
C LYS B 233 -13.14 3.23 -19.33
N LEU B 234 -12.55 2.05 -19.13
CA LEU B 234 -12.37 1.45 -17.79
C LEU B 234 -11.20 2.14 -17.08
N GLU B 235 -10.12 2.45 -17.80
CA GLU B 235 -8.93 3.19 -17.29
C GLU B 235 -9.35 4.62 -16.90
N ALA B 236 -10.19 5.27 -17.72
CA ALA B 236 -10.81 6.58 -17.44
C ALA B 236 -11.51 6.55 -16.07
N TRP B 237 -12.25 5.48 -15.78
CA TRP B 237 -12.97 5.31 -14.50
C TRP B 237 -11.97 5.11 -13.35
N ILE B 238 -10.95 4.27 -13.56
CA ILE B 238 -9.87 4.03 -12.57
C ILE B 238 -9.20 5.39 -12.25
N GLY B 239 -8.96 6.22 -13.25
CA GLY B 239 -8.37 7.55 -13.09
C GLY B 239 -9.27 8.49 -12.31
N SER B 240 -10.59 8.35 -12.47
CA SER B 240 -11.61 9.24 -11.85
C SER B 240 -11.45 9.20 -10.32
N LEU B 241 -11.31 8.02 -9.73
CA LEU B 241 -11.14 7.83 -8.26
C LEU B 241 -9.77 8.38 -7.84
N LEU B 242 -8.73 8.02 -8.60
CA LEU B 242 -7.31 8.27 -8.25
C LEU B 242 -7.00 9.78 -8.34
N PHE B 243 -7.57 10.49 -9.32
CA PHE B 243 -7.21 11.90 -9.64
C PHE B 243 -8.30 12.88 -9.18
N GLY B 244 -9.44 12.39 -8.70
CA GLY B 244 -10.55 13.24 -8.20
C GLY B 244 -11.35 13.86 -9.34
N LEU B 245 -11.90 13.03 -10.23
CA LEU B 245 -12.74 13.47 -11.39
C LEU B 245 -14.17 12.93 -11.20
N PRO B 246 -15.02 13.64 -10.43
CA PRO B 246 -16.31 13.08 -9.99
C PRO B 246 -17.35 12.88 -11.10
N LEU B 247 -17.42 13.78 -12.08
CA LEU B 247 -18.35 13.65 -13.23
C LEU B 247 -17.94 12.43 -14.07
N LEU B 248 -16.62 12.18 -14.20
CA LEU B 248 -16.08 11.05 -15.00
C LEU B 248 -16.33 9.74 -14.24
N PHE B 249 -16.27 9.76 -12.91
CA PHE B 249 -16.64 8.62 -12.03
C PHE B 249 -18.04 8.14 -12.40
N LEU B 250 -19.01 9.06 -12.51
CA LEU B 250 -20.43 8.71 -12.80
C LEU B 250 -20.58 8.24 -14.26
N GLU B 251 -20.06 8.99 -15.22
CA GLU B 251 -20.31 8.76 -16.67
C GLU B 251 -19.60 7.48 -17.13
N GLU B 252 -18.50 7.09 -16.48
CA GLU B 252 -17.69 5.92 -16.90
C GLU B 252 -17.96 4.74 -15.96
N PHE B 253 -18.93 4.87 -15.05
CA PHE B 253 -19.19 3.82 -14.03
C PHE B 253 -19.40 2.49 -14.75
N PRO B 254 -18.54 1.48 -14.47
CA PRO B 254 -18.55 0.21 -15.22
C PRO B 254 -19.76 -0.68 -14.94
N ASP B 255 -20.14 -1.48 -15.95
CA ASP B 255 -21.21 -2.50 -15.91
C ASP B 255 -20.72 -3.68 -15.07
N ILE B 256 -21.20 -3.80 -13.83
CA ILE B 256 -20.80 -4.87 -12.86
C ILE B 256 -21.09 -6.25 -13.45
N GLY B 257 -22.27 -6.44 -14.04
CA GLY B 257 -22.69 -7.69 -14.72
C GLY B 257 -21.70 -8.12 -15.79
N ARG B 258 -21.35 -7.19 -16.68
CA ARG B 258 -20.37 -7.38 -17.79
C ARG B 258 -18.99 -7.79 -17.24
N LEU B 259 -18.53 -7.15 -16.15
CA LEU B 259 -17.23 -7.46 -15.49
C LEU B 259 -17.28 -8.86 -14.88
N GLU B 260 -18.37 -9.21 -14.19
CA GLU B 260 -18.60 -10.56 -13.61
C GLU B 260 -18.35 -11.61 -14.71
N SER B 261 -18.97 -11.43 -15.87
CA SER B 261 -18.95 -12.40 -17.00
C SER B 261 -17.55 -12.46 -17.67
N TYR B 262 -16.81 -11.35 -17.75
CA TYR B 262 -15.40 -11.34 -18.22
C TYR B 262 -14.54 -12.22 -17.30
N ILE B 263 -14.63 -11.96 -16.00
CA ILE B 263 -13.91 -12.70 -14.91
C ILE B 263 -14.33 -14.17 -14.93
N GLU B 264 -15.61 -14.47 -15.11
CA GLU B 264 -16.12 -15.88 -15.08
C GLU B 264 -15.55 -16.64 -16.29
N GLU B 265 -15.42 -16.00 -17.44
CA GLU B 265 -14.95 -16.65 -18.70
C GLU B 265 -13.44 -16.94 -18.62
N LEU B 266 -12.65 -16.00 -18.09
CA LEU B 266 -11.19 -16.20 -17.92
C LEU B 266 -10.96 -17.30 -16.86
N ALA B 267 -11.81 -17.34 -15.83
CA ALA B 267 -11.74 -18.31 -14.71
C ALA B 267 -11.96 -19.73 -15.22
N GLU B 268 -13.05 -19.99 -15.94
CA GLU B 268 -13.46 -21.38 -16.29
C GLU B 268 -12.70 -21.82 -17.56
N THR B 269 -12.06 -20.88 -18.28
CA THR B 269 -11.10 -21.16 -19.37
C THR B 269 -9.76 -21.62 -18.76
N TRP B 270 -9.34 -20.99 -17.66
CA TRP B 270 -8.19 -21.43 -16.83
C TRP B 270 -8.46 -22.85 -16.32
N GLY B 271 -9.59 -23.04 -15.64
CA GLY B 271 -10.02 -24.34 -15.08
C GLY B 271 -10.10 -25.42 -16.15
N GLY B 272 -10.56 -25.05 -17.36
CA GLY B 272 -10.76 -25.96 -18.50
C GLY B 272 -9.44 -26.46 -19.09
N ALA B 273 -8.32 -25.81 -18.77
CA ALA B 273 -6.97 -26.12 -19.30
C ALA B 273 -6.13 -26.86 -18.24
N ILE B 274 -6.75 -27.28 -17.14
CA ILE B 274 -6.12 -28.16 -16.11
C ILE B 274 -6.32 -29.61 -16.56
N ALA B 275 -5.24 -30.24 -17.04
CA ALA B 275 -5.17 -31.67 -17.41
C ALA B 275 -4.93 -32.52 -16.16
N VAL B 276 -5.75 -33.55 -15.95
CA VAL B 276 -5.60 -34.53 -14.83
C VAL B 276 -5.33 -35.90 -15.43
N ASN B 277 -4.16 -36.49 -15.12
CA ASN B 277 -3.71 -37.82 -15.56
C ASN B 277 -3.73 -38.77 -14.36
N ALA B 278 -4.79 -39.56 -14.23
CA ALA B 278 -5.11 -40.42 -13.06
C ALA B 278 -4.02 -41.48 -12.84
N GLU B 279 -3.48 -42.05 -13.93
CA GLU B 279 -2.50 -43.17 -13.89
C GLU B 279 -1.12 -42.63 -13.47
N GLU B 280 -0.73 -41.44 -13.93
CA GLU B 280 0.55 -40.78 -13.56
C GLU B 280 0.40 -40.02 -12.23
N LYS B 281 -0.84 -39.71 -11.83
CA LYS B 281 -1.17 -38.95 -10.59
C LYS B 281 -0.57 -37.54 -10.70
N ALA B 282 -0.83 -36.87 -11.82
CA ALA B 282 -0.23 -35.56 -12.21
C ALA B 282 -1.32 -34.58 -12.63
N VAL B 283 -1.45 -33.46 -11.92
CA VAL B 283 -2.22 -32.25 -12.32
C VAL B 283 -1.25 -31.32 -13.04
N THR B 284 -1.66 -30.76 -14.18
CA THR B 284 -0.91 -29.75 -14.95
C THR B 284 -1.87 -28.62 -15.34
N ARG B 285 -1.63 -27.41 -14.84
CA ARG B 285 -2.42 -26.18 -15.13
C ARG B 285 -1.75 -25.47 -16.30
N ARG B 286 -2.24 -25.73 -17.51
CA ARG B 286 -1.54 -25.38 -18.78
C ARG B 286 -1.71 -23.89 -19.06
N LEU B 287 -2.75 -23.26 -18.50
CA LEU B 287 -2.91 -21.78 -18.45
C LEU B 287 -2.56 -21.28 -17.04
N ALA B 288 -1.86 -20.16 -16.97
CA ALA B 288 -1.65 -19.34 -15.74
C ALA B 288 -2.47 -18.06 -15.86
N PHE B 289 -3.01 -17.58 -14.73
CA PHE B 289 -3.62 -16.23 -14.63
C PHE B 289 -2.50 -15.19 -14.81
N GLY B 290 -2.78 -14.10 -15.53
CA GLY B 290 -1.86 -12.95 -15.68
C GLY B 290 -2.31 -11.80 -14.81
N SER B 291 -1.52 -10.71 -14.77
CA SER B 291 -1.79 -9.49 -13.97
C SER B 291 -3.15 -8.89 -14.33
N GLY B 292 -3.57 -9.03 -15.59
CA GLY B 292 -4.84 -8.50 -16.14
C GLY B 292 -6.07 -9.14 -15.50
N PHE B 293 -6.01 -10.43 -15.17
CA PHE B 293 -7.08 -11.13 -14.41
C PHE B 293 -7.18 -10.49 -13.02
N GLY B 294 -6.03 -10.22 -12.39
CA GLY B 294 -5.92 -9.54 -11.09
C GLY B 294 -6.52 -8.13 -11.12
N THR B 295 -6.24 -7.37 -12.18
CA THR B 295 -6.71 -5.97 -12.35
C THR B 295 -8.25 -5.96 -12.46
N LEU B 296 -8.81 -6.86 -13.29
CA LEU B 296 -10.28 -7.02 -13.46
C LEU B 296 -10.96 -7.35 -12.12
N VAL B 297 -10.40 -8.27 -11.32
CA VAL B 297 -10.98 -8.68 -10.00
C VAL B 297 -11.03 -7.45 -9.09
N LYS B 298 -9.91 -6.71 -8.99
CA LYS B 298 -9.80 -5.48 -8.16
C LYS B 298 -10.79 -4.43 -8.67
N LEU B 299 -10.90 -4.28 -9.98
CA LEU B 299 -11.78 -3.30 -10.67
C LEU B 299 -13.25 -3.63 -10.33
N LEU B 300 -13.66 -4.89 -10.47
CA LEU B 300 -15.04 -5.33 -10.12
C LEU B 300 -15.34 -5.06 -8.64
N PHE B 301 -14.38 -5.33 -7.75
CA PHE B 301 -14.54 -5.13 -6.29
C PHE B 301 -14.72 -3.63 -6.00
N GLN B 302 -13.88 -2.79 -6.61
CA GLN B 302 -13.90 -1.32 -6.42
C GLN B 302 -15.25 -0.77 -6.89
N ALA B 303 -15.83 -1.37 -7.95
CA ALA B 303 -17.14 -1.01 -8.50
C ALA B 303 -18.24 -1.34 -7.47
N ARG B 304 -18.23 -2.56 -6.93
CA ARG B 304 -19.19 -3.03 -5.89
C ARG B 304 -19.12 -2.10 -4.67
N ILE B 305 -17.90 -1.77 -4.23
CA ILE B 305 -17.61 -0.91 -3.04
C ILE B 305 -18.28 0.46 -3.22
N THR B 306 -18.29 1.00 -4.44
CA THR B 306 -18.66 2.40 -4.76
C THR B 306 -19.99 2.48 -5.53
N ARG B 307 -20.68 1.35 -5.74
CA ARG B 307 -21.92 1.29 -6.57
C ARG B 307 -22.99 2.22 -5.97
N GLY B 308 -23.02 2.39 -4.64
CA GLY B 308 -24.00 3.24 -3.93
C GLY B 308 -23.96 4.69 -4.37
N LEU B 309 -22.84 5.15 -4.95
CA LEU B 309 -22.60 6.56 -5.35
C LEU B 309 -23.06 6.84 -6.79
N LEU B 310 -23.46 5.82 -7.57
CA LEU B 310 -23.99 6.04 -8.93
C LEU B 310 -25.42 6.59 -8.81
N VAL B 311 -25.53 7.91 -8.72
CA VAL B 311 -26.82 8.65 -8.54
C VAL B 311 -27.58 8.61 -9.87
N GLU B 312 -28.90 8.76 -9.81
CA GLU B 312 -29.80 8.92 -10.98
C GLU B 312 -29.41 10.22 -11.72
N GLU B 313 -29.46 10.20 -13.06
CA GLU B 313 -29.22 11.41 -13.90
C GLU B 313 -30.43 12.35 -13.76
N PRO B 314 -30.29 13.68 -14.01
CA PRO B 314 -29.04 14.27 -14.47
C PRO B 314 -28.04 14.48 -13.31
N TYR B 315 -26.79 14.83 -13.64
CA TYR B 315 -25.67 14.98 -12.68
C TYR B 315 -25.58 16.45 -12.25
N SER B 316 -26.29 16.77 -11.16
CA SER B 316 -26.38 18.14 -10.58
C SER B 316 -25.12 18.45 -9.77
N ILE B 317 -24.81 19.74 -9.59
CA ILE B 317 -23.71 20.20 -8.70
C ILE B 317 -23.94 19.56 -7.33
N GLU B 318 -25.17 19.61 -6.81
CA GLU B 318 -25.56 19.04 -5.48
C GLU B 318 -25.17 17.55 -5.42
N LYS B 319 -25.55 16.75 -6.41
CA LYS B 319 -25.21 15.31 -6.50
C LYS B 319 -23.67 15.13 -6.56
N LEU B 320 -22.97 15.98 -7.31
CA LEU B 320 -21.50 15.90 -7.51
C LEU B 320 -20.76 16.20 -6.19
N TYR B 321 -21.22 17.16 -5.39
CA TYR B 321 -20.70 17.41 -4.02
C TYR B 321 -20.84 16.13 -3.18
N SER B 322 -22.07 15.58 -3.14
CA SER B 322 -22.44 14.38 -2.35
C SER B 322 -21.52 13.19 -2.68
N VAL B 323 -21.37 12.88 -3.98
CA VAL B 323 -20.43 11.84 -4.49
C VAL B 323 -19.02 12.13 -3.98
N SER B 324 -18.52 13.35 -4.21
CA SER B 324 -17.14 13.80 -3.87
C SER B 324 -16.88 13.65 -2.37
N ASP B 325 -17.82 14.09 -1.53
CA ASP B 325 -17.72 14.04 -0.05
C ASP B 325 -17.51 12.59 0.41
N ARG B 326 -18.03 11.59 -0.31
CA ARG B 326 -17.89 10.16 0.06
C ARG B 326 -16.58 9.59 -0.49
N LEU B 327 -16.17 10.03 -1.69
CA LEU B 327 -15.17 9.33 -2.53
C LEU B 327 -13.75 9.88 -2.32
N PHE B 328 -13.59 11.17 -1.97
CA PHE B 328 -12.28 11.85 -1.90
C PHE B 328 -11.95 12.28 -0.47
N ARG B 329 -10.66 12.46 -0.20
CA ARG B 329 -10.10 12.90 1.10
C ARG B 329 -9.05 14.00 0.85
N GLY B 330 -8.51 14.58 1.93
CA GLY B 330 -7.34 15.48 1.93
C GLY B 330 -7.49 16.65 0.96
N SER B 331 -6.41 16.96 0.23
CA SER B 331 -6.32 18.08 -0.74
C SER B 331 -7.22 17.84 -1.96
N THR B 332 -7.38 16.58 -2.37
CA THR B 332 -8.19 16.17 -3.54
C THR B 332 -9.66 16.58 -3.29
N LEU B 333 -10.21 16.28 -2.12
CA LEU B 333 -11.61 16.64 -1.76
C LEU B 333 -11.78 18.17 -1.84
N GLN B 334 -10.93 18.91 -1.14
CA GLN B 334 -11.04 20.39 -1.04
C GLN B 334 -10.90 21.02 -2.43
N ARG B 335 -9.99 20.47 -3.26
CA ARG B 335 -9.83 20.83 -4.70
C ARG B 335 -11.18 20.78 -5.41
N VAL B 336 -11.86 19.64 -5.31
CA VAL B 336 -13.14 19.35 -6.01
C VAL B 336 -14.23 20.30 -5.48
N ARG B 337 -14.31 20.51 -4.18
CA ARG B 337 -15.34 21.40 -3.57
C ARG B 337 -15.15 22.81 -4.12
N VAL B 338 -13.91 23.28 -4.28
CA VAL B 338 -13.61 24.66 -4.76
C VAL B 338 -13.96 24.75 -6.25
N GLU B 339 -13.73 23.70 -7.05
CA GLU B 339 -13.98 23.71 -8.52
C GLU B 339 -15.49 23.68 -8.77
N LEU B 340 -16.21 22.79 -8.08
CA LEU B 340 -17.70 22.73 -8.14
C LEU B 340 -18.29 24.05 -7.62
N GLY B 341 -17.70 24.61 -6.55
CA GLY B 341 -18.10 25.91 -5.96
C GLY B 341 -18.05 27.04 -6.97
N LYS B 342 -17.07 27.04 -7.87
CA LYS B 342 -16.91 28.08 -8.92
C LYS B 342 -18.10 28.04 -9.88
N ILE B 343 -18.50 26.84 -10.31
CA ILE B 343 -19.64 26.63 -11.24
C ILE B 343 -20.95 26.98 -10.52
N GLU B 344 -21.08 26.58 -9.24
CA GLU B 344 -22.27 26.90 -8.40
C GLU B 344 -22.43 28.44 -8.31
N ASP B 345 -21.40 29.16 -7.83
CA ASP B 345 -21.42 30.64 -7.67
C ASP B 345 -21.86 31.30 -8.98
N LYS B 346 -21.42 30.76 -10.11
CA LYS B 346 -21.84 31.25 -11.44
C LYS B 346 -23.33 30.98 -11.65
N ALA B 347 -23.79 29.75 -11.35
CA ALA B 347 -25.20 29.31 -11.49
C ALA B 347 -26.10 30.22 -10.65
N ILE B 348 -25.71 30.52 -9.41
CA ILE B 348 -26.42 31.46 -8.50
C ILE B 348 -26.57 32.81 -9.20
N LYS B 349 -25.47 33.37 -9.72
CA LYS B 349 -25.44 34.67 -10.45
C LYS B 349 -26.51 34.67 -11.54
N TYR B 350 -26.53 33.62 -12.37
CA TYR B 350 -27.50 33.43 -13.50
C TYR B 350 -28.93 33.39 -12.96
N ALA B 351 -29.16 32.65 -11.88
CA ALA B 351 -30.49 32.44 -11.26
C ALA B 351 -31.07 33.78 -10.80
N ARG B 352 -30.25 34.61 -10.14
CA ARG B 352 -30.64 35.95 -9.62
C ARG B 352 -31.08 36.90 -10.75
N LYS B 353 -30.63 36.68 -11.99
CA LYS B 353 -30.96 37.53 -13.18
C LYS B 353 -32.08 36.91 -14.01
N GLY B 354 -32.75 35.85 -13.52
CA GLY B 354 -33.80 35.14 -14.27
C GLY B 354 -33.27 34.54 -15.56
N ALA B 355 -31.99 34.19 -15.59
CA ALA B 355 -31.31 33.52 -16.73
C ALA B 355 -31.12 32.04 -16.39
N PHE B 356 -31.43 31.14 -17.33
CA PHE B 356 -31.32 29.66 -17.19
C PHE B 356 -30.79 29.09 -18.50
N PRO B 357 -29.48 29.26 -18.79
CA PRO B 357 -28.86 28.68 -19.99
C PRO B 357 -29.05 27.17 -20.11
N ARG B 358 -29.40 26.69 -21.31
CA ARG B 358 -29.64 25.25 -21.63
C ARG B 358 -28.64 24.81 -22.71
N ASP B 359 -27.92 23.72 -22.47
CA ASP B 359 -27.02 23.05 -23.45
C ASP B 359 -25.98 24.07 -23.95
N ILE B 360 -25.23 24.65 -23.01
CA ILE B 360 -24.21 25.71 -23.24
C ILE B 360 -22.86 25.14 -22.81
N PRO B 361 -21.79 25.25 -23.65
CA PRO B 361 -20.46 24.80 -23.22
C PRO B 361 -20.05 25.49 -21.91
N LEU B 362 -19.38 24.76 -21.01
CA LEU B 362 -18.94 25.31 -19.70
C LEU B 362 -18.16 26.62 -19.91
N ARG B 363 -17.35 26.70 -20.97
CA ARG B 363 -16.52 27.89 -21.29
C ARG B 363 -17.41 29.13 -21.48
N ASP B 364 -18.55 28.96 -22.17
CA ASP B 364 -19.53 30.04 -22.44
C ASP B 364 -20.23 30.41 -21.12
N PHE B 365 -20.65 29.40 -20.35
CA PHE B 365 -21.29 29.54 -19.01
C PHE B 365 -20.43 30.40 -18.08
N LEU B 366 -19.11 30.18 -18.08
CA LEU B 366 -18.16 30.88 -17.16
C LEU B 366 -17.66 32.19 -17.78
N GLY B 367 -17.80 32.36 -19.10
CA GLY B 367 -17.35 33.56 -19.85
C GLY B 367 -15.85 33.57 -20.09
N PHE B 368 -15.33 32.69 -20.94
CA PHE B 368 -13.89 32.53 -21.23
C PHE B 368 -13.49 33.36 -22.45
N ASP B 369 -12.22 33.76 -22.51
CA ASP B 369 -11.55 34.32 -23.72
C ASP B 369 -11.57 33.27 -24.83
N ALA B 370 -11.32 33.68 -26.08
CA ALA B 370 -11.07 32.78 -27.22
C ALA B 370 -9.57 32.44 -27.25
N ALA B 371 -9.19 31.49 -28.12
CA ALA B 371 -7.80 31.00 -28.32
C ALA B 371 -7.26 30.33 -27.04
N ASN B 372 -8.08 29.51 -26.38
CA ASN B 372 -7.67 28.55 -25.33
C ASN B 372 -8.60 27.35 -25.41
N ARG B 373 -8.77 26.79 -26.62
CA ARG B 373 -9.73 25.71 -26.92
C ARG B 373 -9.05 24.35 -26.87
N GLU B 374 -7.71 24.31 -26.85
CA GLU B 374 -6.93 23.05 -26.72
C GLU B 374 -7.19 22.46 -25.32
N VAL B 375 -7.50 21.17 -25.27
CA VAL B 375 -7.74 20.39 -24.02
C VAL B 375 -6.40 19.79 -23.58
N SER B 376 -5.82 20.30 -22.49
CA SER B 376 -4.50 19.86 -21.94
C SER B 376 -4.70 18.87 -20.79
N PRO B 377 -3.77 17.91 -20.60
CA PRO B 377 -3.70 17.12 -19.38
C PRO B 377 -3.80 17.98 -18.11
N ARG B 378 -3.05 19.08 -18.07
CA ARG B 378 -2.93 20.01 -16.92
C ARG B 378 -4.31 20.53 -16.50
N ASN B 379 -5.10 21.03 -17.44
CA ASN B 379 -6.39 21.71 -17.17
C ASN B 379 -7.46 20.66 -16.81
N VAL B 380 -7.36 19.44 -17.34
CA VAL B 380 -8.32 18.34 -17.07
C VAL B 380 -8.08 17.82 -15.64
N LEU B 381 -6.82 17.71 -15.21
CA LEU B 381 -6.43 17.09 -13.92
C LEU B 381 -6.41 18.12 -12.79
N ALA B 382 -6.12 19.39 -13.09
CA ALA B 382 -6.02 20.48 -12.09
C ALA B 382 -7.43 20.97 -11.70
N HIS B 383 -8.41 20.82 -12.60
CA HIS B 383 -9.79 21.34 -12.43
C HIS B 383 -10.80 20.20 -12.23
N ALA B 384 -10.37 19.10 -11.60
CA ALA B 384 -11.23 17.98 -11.15
C ALA B 384 -12.02 17.40 -12.33
N GLY B 385 -11.47 17.47 -13.54
CA GLY B 385 -12.07 16.93 -14.78
C GLY B 385 -13.17 17.82 -15.35
N LEU B 386 -13.47 18.95 -14.71
CA LEU B 386 -14.54 19.88 -15.16
C LEU B 386 -13.91 20.95 -16.09
N GLU B 387 -13.27 20.49 -17.16
CA GLU B 387 -12.52 21.34 -18.11
C GLU B 387 -13.53 22.06 -19.02
N ALA B 388 -13.28 23.33 -19.35
CA ALA B 388 -14.28 24.29 -19.90
C ALA B 388 -14.61 23.97 -21.36
N ASN B 389 -13.81 23.14 -22.05
CA ASN B 389 -13.96 22.87 -23.50
C ASN B 389 -14.56 21.47 -23.73
N VAL B 390 -14.81 20.71 -22.67
CA VAL B 390 -15.30 19.29 -22.79
C VAL B 390 -16.58 19.09 -21.98
N VAL B 391 -17.00 20.06 -21.16
CA VAL B 391 -18.24 19.96 -20.32
C VAL B 391 -19.33 20.85 -20.91
N GLU B 392 -20.57 20.36 -20.87
CA GLU B 392 -21.81 21.10 -21.25
C GLU B 392 -22.67 21.26 -20.00
N VAL B 393 -23.12 22.48 -19.73
CA VAL B 393 -24.00 22.86 -18.57
C VAL B 393 -25.43 23.02 -19.07
N SER B 394 -26.40 22.63 -18.23
CA SER B 394 -27.84 22.99 -18.35
C SER B 394 -28.36 23.39 -16.97
N MET B 395 -29.08 24.51 -16.90
CA MET B 395 -29.91 24.91 -15.74
C MET B 395 -31.38 24.72 -16.12
N GLU B 396 -32.10 23.84 -15.40
CA GLU B 396 -33.57 23.66 -15.58
C GLU B 396 -34.27 24.87 -14.94
N ALA B 397 -35.07 25.59 -15.73
CA ALA B 397 -35.75 26.86 -15.35
C ALA B 397 -36.61 26.63 -14.10
N TRP B 398 -36.55 27.55 -13.14
CA TRP B 398 -37.44 27.55 -11.95
C TRP B 398 -37.72 28.99 -11.50
N GLU B 399 -38.63 29.16 -10.52
CA GLU B 399 -38.99 30.46 -9.90
C GLU B 399 -38.18 30.62 -8.63
N PRO B 400 -37.00 31.30 -8.67
CA PRO B 400 -36.10 31.32 -7.52
C PRO B 400 -36.68 32.10 -6.33
N LYS B 401 -36.34 31.68 -5.11
CA LYS B 401 -36.72 32.32 -3.82
C LYS B 401 -35.45 32.56 -2.99
N ARG B 402 -34.63 31.52 -2.82
CA ARG B 402 -33.24 31.62 -2.29
C ARG B 402 -32.30 30.86 -3.24
N PRO B 403 -31.80 31.52 -4.31
CA PRO B 403 -31.01 30.84 -5.34
C PRO B 403 -29.69 30.22 -4.88
N GLU B 404 -29.19 30.64 -3.70
CA GLU B 404 -27.91 30.16 -3.12
C GLU B 404 -28.03 28.67 -2.77
N GLU B 405 -29.24 28.24 -2.38
CA GLU B 405 -29.58 26.84 -1.98
C GLU B 405 -30.08 26.05 -3.19
N GLU B 406 -30.82 26.71 -4.09
CA GLU B 406 -31.58 26.07 -5.20
C GLU B 406 -30.66 25.78 -6.40
N ALA B 407 -29.72 26.68 -6.71
CA ALA B 407 -28.92 26.68 -7.96
C ALA B 407 -28.18 25.34 -8.13
N GLY B 408 -27.68 24.76 -7.03
CA GLY B 408 -26.93 23.49 -7.02
C GLY B 408 -27.73 22.32 -7.57
N ARG B 409 -29.03 22.24 -7.24
CA ARG B 409 -29.93 21.12 -7.61
C ARG B 409 -30.36 21.22 -9.07
N HIS B 410 -30.50 22.43 -9.58
CA HIS B 410 -31.12 22.74 -10.90
C HIS B 410 -30.04 22.86 -11.98
N THR B 411 -28.75 22.91 -11.58
CA THR B 411 -27.60 23.05 -12.51
C THR B 411 -26.95 21.67 -12.75
N HIS B 412 -26.99 21.18 -13.99
CA HIS B 412 -26.58 19.81 -14.40
C HIS B 412 -25.38 19.88 -15.37
N LEU B 413 -24.39 19.00 -15.18
CA LEU B 413 -23.16 18.90 -16.01
C LEU B 413 -23.11 17.53 -16.70
N LYS B 414 -22.67 17.51 -17.95
CA LYS B 414 -22.24 16.27 -18.67
C LYS B 414 -21.05 16.61 -19.58
N TYR B 415 -20.23 15.63 -19.91
CA TYR B 415 -19.23 15.71 -21.01
C TYR B 415 -19.99 15.71 -22.34
N THR B 416 -19.56 16.53 -23.30
CA THR B 416 -19.95 16.40 -24.73
C THR B 416 -19.36 15.10 -25.26
N PRO B 417 -19.99 14.43 -26.25
CA PRO B 417 -19.41 13.21 -26.84
C PRO B 417 -17.94 13.35 -27.27
N VAL B 418 -17.56 14.49 -27.88
CA VAL B 418 -16.17 14.79 -28.34
C VAL B 418 -15.28 15.00 -27.11
N GLY B 419 -15.77 15.80 -26.15
CA GLY B 419 -15.07 16.11 -24.90
C GLY B 419 -14.74 14.86 -24.11
N LEU B 420 -15.66 13.90 -24.06
CA LEU B 420 -15.51 12.64 -23.27
C LEU B 420 -14.30 11.86 -23.77
N LYS B 421 -14.15 11.71 -25.08
CA LYS B 421 -13.07 10.90 -25.70
C LYS B 421 -11.71 11.57 -25.45
N LYS B 422 -11.66 12.90 -25.44
CA LYS B 422 -10.41 13.67 -25.10
C LYS B 422 -10.04 13.39 -23.64
N VAL B 423 -11.03 13.44 -22.73
CA VAL B 423 -10.83 13.21 -21.27
C VAL B 423 -10.38 11.76 -21.05
N GLU B 424 -11.02 10.81 -21.74
CA GLU B 424 -10.65 9.36 -21.74
C GLU B 424 -9.18 9.20 -22.14
N ASP B 425 -8.77 9.81 -23.25
CA ASP B 425 -7.37 9.75 -23.79
C ASP B 425 -6.39 10.27 -22.72
N ILE B 426 -6.67 11.45 -22.16
CA ILE B 426 -5.79 12.14 -21.16
C ILE B 426 -5.68 11.30 -19.88
N VAL B 427 -6.81 10.85 -19.34
CA VAL B 427 -6.86 10.17 -18.01
C VAL B 427 -6.22 8.78 -18.13
N SER B 428 -6.55 8.03 -19.20
CA SER B 428 -5.91 6.75 -19.58
C SER B 428 -4.39 6.92 -19.66
N ARG B 429 -3.93 7.87 -20.48
CA ARG B 429 -2.50 8.22 -20.66
C ARG B 429 -1.87 8.53 -19.28
N ALA B 430 -2.54 9.35 -18.47
CA ALA B 430 -2.03 9.83 -17.15
C ALA B 430 -1.90 8.64 -16.19
N LEU B 431 -2.86 7.69 -16.22
CA LEU B 431 -2.87 6.46 -15.39
C LEU B 431 -1.67 5.57 -15.74
N LYS B 432 -1.25 5.53 -17.00
CA LYS B 432 -0.14 4.67 -17.52
C LYS B 432 1.20 5.23 -17.04
N GLU B 433 1.45 6.53 -17.27
CA GLU B 433 2.62 7.27 -16.70
C GLU B 433 2.44 7.36 -15.17
N SER B 434 1.21 7.16 -14.69
CA SER B 434 0.83 6.84 -13.29
C SER B 434 1.07 8.04 -12.37
O3P ACK C . -5.44 34.54 -7.83
P ACK C . -5.85 33.19 -7.27
O1P ACK C . -7.06 32.46 -7.78
O2' ACK C . -5.95 33.33 -5.68
O3' ACK C . -4.57 32.21 -7.25
C3' ACK C . -3.95 32.08 -5.97
C4' ACK C . -3.64 30.64 -5.62
O4' ACK C . -4.62 30.22 -4.65
C5' ACK C . -2.22 30.45 -5.09
O5' ACK C . -1.94 31.24 -3.94
C1' ACK C . -5.61 31.24 -4.50
N9 ACK C . -6.02 31.45 -3.10
C8 ACK C . -5.19 31.46 -2.04
N7 ACK C . -5.87 31.69 -0.90
C5 ACK C . -7.15 31.83 -1.22
C6 ACK C . -8.39 32.11 -0.48
N6 ACK C . -8.35 32.26 0.87
N1 ACK C . -9.55 32.20 -1.16
C2 ACK C . -9.58 32.04 -2.51
N3 ACK C . -8.48 31.79 -3.25
C4 ACK C . -7.26 31.69 -2.67
C2' ACK C . -4.99 32.54 -4.98
P1 LQJ D . 6.79 -22.44 12.07
P2 LQJ D . 12.91 -24.02 8.48
N9 LQJ D . 14.20 -21.96 15.68
C8 LQJ D . 0.64 -27.84 15.92
N7 LQJ D . 13.40 -25.35 14.63
C5 LQJ D . 0.97 -26.58 15.60
C6 LQJ D . 1.89 -26.34 14.65
N6 LQJ D . 12.36 -24.40 12.97
N1 LQJ D . 2.04 -25.02 14.54
C2 LQJ D . 3.91 -24.87 11.48
N3 LQJ D . 2.49 -27.35 13.99
C4 LQJ D . 1.21 -24.44 15.40
N5 LQJ D . -0.28 -27.98 16.87
N4 LQJ D . 1.19 -28.91 15.33
C7 LQJ D . 2.20 -28.78 14.27
N2 LQJ D . 0.56 -25.40 16.06
C3 LQJ D . 2.94 -24.30 13.57
C9 LQJ D . 4.42 -24.56 13.81
O3 LQJ D . 4.97 -23.58 14.69
O2 LQJ D . 2.67 -24.81 12.24
C1 LQJ D . 4.18 -26.30 10.96
O1 LQJ D . 4.48 -27.20 12.03
C10 LQJ D . 5.01 -24.39 12.42
O4 LQJ D . 5.28 -23.00 12.16
O5 LQJ D . 7.45 -22.70 13.38
O12 LQJ D . 6.78 -21.07 11.51
O6 LQJ D . 7.44 -23.44 10.96
C11 LQJ D . 8.51 -23.03 10.10
C12 LQJ D . 9.75 -23.90 10.38
O7 LQJ D . 10.17 -23.94 11.78
C20 LQJ D . 10.96 -23.32 9.63
O9 LQJ D . 11.33 -24.19 8.56
O10 LQJ D . 13.22 -22.77 7.76
O11 LQJ D . 13.51 -25.29 8.02
O8 LQJ D . 13.30 -23.84 10.03
C19 LQJ D . 12.10 -23.36 10.68
C13 LQJ D . 11.56 -24.37 11.70
C14 LQJ D . 12.68 -25.58 13.53
C15 LQJ D . 13.53 -24.03 14.76
C16 LQJ D . 12.90 -23.44 13.75
N8 LQJ D . 12.87 -22.10 13.63
C17 LQJ D . 13.53 -21.19 14.61
C18 LQJ D . 14.17 -23.30 15.70
N10 LQJ D . 14.77 -23.99 16.68
O3P ACK E . -11.85 29.30 -12.31
P ACK E . -13.15 29.04 -13.07
O1P ACK E . -14.19 30.10 -13.25
O2' ACK E . -12.82 28.37 -14.48
O3' ACK E . -13.82 27.72 -12.42
C3' ACK E . -13.91 26.61 -13.30
C4' ACK E . -13.33 25.33 -12.75
O4' ACK E . -12.14 25.00 -13.52
C5' ACK E . -14.31 24.18 -12.83
O5' ACK E . -14.85 24.12 -14.15
C1' ACK E . -11.77 26.14 -14.29
N9 ACK E . -11.26 25.74 -15.61
C8 ACK E . -11.77 24.74 -16.35
N7 ACK E . -11.12 24.65 -17.53
C5 ACK E . -10.18 25.61 -17.55
C6 ACK E . -9.14 26.06 -18.51
N6 ACK E . -9.00 25.42 -19.69
N1 ACK E . -8.36 27.11 -18.15
C2 ACK E . -8.51 27.74 -16.95
N3 ACK E . -9.44 27.37 -16.04
C4 ACK E . -10.28 26.33 -16.28
C2' ACK E . -13.04 26.95 -14.49
P1 LQJ F . 7.06 -24.59 4.28
P2 LQJ F . 1.89 -27.37 7.91
N9 LQJ F . 0.27 -29.49 1.11
C8 LQJ F . 15.45 -27.58 1.95
N7 LQJ F . 3.22 -31.11 2.50
C5 LQJ F . 14.40 -26.82 1.58
C6 LQJ F . 13.32 -26.70 2.38
N6 LQJ F . 3.20 -29.53 3.96
N1 LQJ F . 12.44 -25.91 1.77
C2 LQJ F . 10.42 -24.93 4.46
N3 LQJ F . 13.27 -27.34 3.56
C4 LQJ F . 12.98 -25.51 0.62
N5 LQJ F . 16.48 -27.63 1.11
N4 LQJ F . 15.50 -28.26 3.10
C7 LQJ F . 14.37 -28.20 4.06
N2 LQJ F . 14.17 -26.08 0.50
C3 LQJ F . 11.11 -25.44 2.27
C9 LQJ F . 10.13 -26.53 2.72
O3 LQJ F . 9.21 -26.89 1.68
O2 LQJ F . 11.46 -24.72 3.46
C1 LQJ F . 11.00 -25.52 5.76
O1 LQJ F . 11.47 -26.87 5.60
C10 LQJ F . 9.37 -25.86 3.84
O4 LQJ F . 8.26 -25.08 3.31
O5 LQJ F . 6.03 -23.89 3.47
O12 LQJ F . 7.63 -23.91 5.47
O6 LQJ F . 6.43 -26.01 4.74
C11 LQJ F . 6.20 -26.33 6.12
C12 LQJ F . 5.10 -27.39 6.24
O7 LQJ F . 4.97 -28.18 5.04
C20 LQJ F . 3.73 -26.73 6.44
O9 LQJ F . 3.36 -26.74 7.83
O10 LQJ F . 0.89 -26.28 7.95
O11 LQJ F . 1.89 -28.41 8.96
O8 LQJ F . 1.74 -28.13 6.51
C19 LQJ F . 2.78 -27.64 5.64
C13 LQJ F . 3.68 -28.79 5.18
C14 LQJ F . 3.84 -30.62 3.57
C15 LQJ F . 2.19 -30.32 2.22
C16 LQJ F . 2.16 -29.33 3.12
N8 LQJ F . 1.20 -28.39 3.08
C17 LQJ F . 0.13 -28.36 2.05
C18 LQJ F . 1.26 -30.39 1.25
N10 LQJ F . 1.37 -31.40 0.39
#